data_1IAI
#
_entry.id   1IAI
#
_cell.length_a   187.582
_cell.length_b   80.600
_cell.length_c   75.199
_cell.angle_alpha   90.00
_cell.angle_beta   90.00
_cell.angle_gamma   90.00
#
_symmetry.space_group_name_H-M   'P 21 2 21'
#
loop_
_entity.id
_entity.type
_entity.pdbx_description
1 polymer 'IDIOTYPIC FAB 730.1.4 (IGG1) OF VIRUS NEUTRALIZING ANTIBODY'
2 polymer 'IDIOTYPIC FAB 730.1.4 (IGG1) OF VIRUS NEUTRALIZING ANTIBODY'
3 polymer 'ANTI-IDIOTYPIC FAB 409.5.3 (IGG2A)'
4 polymer 'ANTI-IDIOTYPIC FAB 409.5.3 (IGG2A)'
#
loop_
_entity_poly.entity_id
_entity_poly.type
_entity_poly.pdbx_seq_one_letter_code
_entity_poly.pdbx_strand_id
1 'polypeptide(L)'
;DIVMTQSHKFMSTSVGDRVSITCKASQDVSTAVAWYQQKPGQSPKLLIYSASYQYTGVPDRFTGSGSRTDFTFTINSVQA
EDLAVYYCHQHYSTPFTFGSGTKLEIKRADAAPTVSIFPPSSEQLTSGGASVVCFLNNFYPKDINVKWKIDGSERQNGVL
NSWTDQDSKDSTYSMSSTLTLTKDEYERHNSYTCEATHKTSTSPIVKSFNRNEC
;
L
2 'polypeptide(L)'
;QIQLVQSGPELKKPGETVKISCKASGYTFTNYGMNWVKQAPGKGLKWMAWINTYTGEPTYADDFKGRFAFSLETSASTAY
LQINNLKNEDTATYFCARDGYYENYYAMDYWGQGTSVTVSSAKTTAPSVYPLAPVCGDTTGSSVTLGCLVKGYFPEPVTL
TWNSGSLSSGVHTFPAVLQSDLYTLSSSVTVTSSTTPSQSITCNVAHPASSTKVDKKID
;
H
3 'polypeptide(L)'
;DIQLTQSPAFMAASPGEKVTITCSVSSSISSSNLHWYQQKSETSPKPWIYGTSNLASGVPVRFSGSGSGTSYSLTISSME
AEDAATYYCQQWNSYPYTFGGGTKLEIKRADAAPTVSIFPPSSEQLTSGGASVVCFLNNFYPKDINVKWKIDGSERQNGV
LNSWTDQDSKDSTYSMSSTLTLTKDEYERHNSYTCEATHKTSTSPIVKSFNRNEC
;
M
4 'polypeptide(L)'
;EVKLQESGGGLVQPGGSMKLSCVASGFTFNNYWMSWVRQSPEKGLEWVAEIRLNSDNFATHYAESVKGKFIISRDDSKSR
LYLQMNSLRAEDTGIYYCVLRPLFYYAVDYWGQGTSVTVSSAKTTPPSVYPLAPGSAAQTNSMVTLGCLVKGYFPEPVTV
TWNSGSLSSGVHTFPAVLQSDLYTLSSSVTVPSTWRPSETVTCNVAHPASSTKVDKKI
;
I
#
# COMPACT_ATOMS: atom_id res chain seq x y z
N ASP A 1 5.75 -15.99 -1.77
CA ASP A 1 4.29 -16.22 -1.94
C ASP A 1 3.74 -17.00 -0.75
N ILE A 2 2.45 -16.86 -0.51
CA ILE A 2 1.80 -17.54 0.63
C ILE A 2 0.44 -18.20 0.29
N VAL A 3 0.48 -19.53 0.17
CA VAL A 3 -0.68 -20.39 -0.16
C VAL A 3 -1.86 -20.35 0.81
N MET A 4 -3.03 -20.06 0.23
CA MET A 4 -4.31 -20.02 0.95
C MET A 4 -5.07 -21.26 0.48
N THR A 5 -5.29 -22.19 1.39
CA THR A 5 -5.93 -23.42 1.01
C THR A 5 -7.28 -23.59 1.66
N GLN A 6 -8.34 -23.69 0.85
CA GLN A 6 -9.72 -23.91 1.36
C GLN A 6 -10.09 -25.41 1.50
N SER A 7 -10.38 -25.81 2.75
CA SER A 7 -10.70 -27.20 3.15
C SER A 7 -11.55 -27.99 2.18
N HIS A 8 -12.70 -27.42 1.77
CA HIS A 8 -13.62 -28.08 0.83
C HIS A 8 -14.12 -27.16 -0.26
N LYS A 9 -13.95 -27.62 -1.48
CA LYS A 9 -14.34 -26.92 -2.70
C LYS A 9 -15.85 -26.89 -2.93
N PHE A 10 -16.53 -28.01 -2.72
CA PHE A 10 -18.01 -28.08 -2.88
C PHE A 10 -18.54 -28.26 -1.48
N MET A 11 -19.67 -27.66 -1.18
CA MET A 11 -20.27 -27.77 0.16
C MET A 11 -21.80 -27.82 0.00
N SER A 12 -22.45 -28.91 0.42
CA SER A 12 -23.93 -29.00 0.28
C SER A 12 -24.64 -28.79 1.62
N THR A 13 -25.54 -27.81 1.75
CA THR A 13 -26.25 -27.64 3.03
C THR A 13 -27.69 -27.11 2.93
N SER A 14 -28.60 -27.82 3.61
CA SER A 14 -30.06 -27.56 3.69
C SER A 14 -30.54 -26.24 4.37
N VAL A 15 -31.55 -25.59 3.78
CA VAL A 15 -32.05 -24.31 4.30
C VAL A 15 -32.39 -24.24 5.79
N GLY A 16 -31.76 -23.30 6.48
CA GLY A 16 -31.97 -23.14 7.90
C GLY A 16 -30.84 -23.77 8.69
N ASP A 17 -29.99 -24.53 8.03
CA ASP A 17 -28.84 -25.20 8.65
C ASP A 17 -27.59 -24.32 8.78
N ARG A 18 -26.55 -24.89 9.39
CA ARG A 18 -25.28 -24.19 9.64
C ARG A 18 -24.12 -24.89 9.00
N VAL A 19 -23.30 -24.07 8.37
CA VAL A 19 -22.15 -24.55 7.64
C VAL A 19 -21.02 -23.57 7.87
N SER A 20 -19.89 -24.09 8.34
CA SER A 20 -18.68 -23.32 8.59
C SER A 20 -17.62 -23.67 7.52
N ILE A 21 -17.06 -22.66 6.87
CA ILE A 21 -16.04 -22.87 5.84
C ILE A 21 -14.69 -22.50 6.43
N THR A 22 -13.75 -23.46 6.37
CA THR A 22 -12.39 -23.30 6.87
C THR A 22 -11.52 -22.81 5.71
N CYS A 23 -10.42 -22.14 6.03
CA CYS A 23 -9.47 -21.60 5.05
C CYS A 23 -8.10 -21.39 5.77
N LYS A 24 -7.04 -22.07 5.30
CA LYS A 24 -5.68 -22.02 5.91
C LYS A 24 -4.58 -21.27 5.16
N ALA A 25 -3.79 -20.52 5.92
CA ALA A 25 -2.69 -19.75 5.39
C ALA A 25 -1.44 -20.55 5.65
N SER A 26 -0.50 -20.52 4.69
CA SER A 26 0.77 -21.22 4.76
C SER A 26 1.80 -20.62 5.76
N GLN A 27 1.67 -19.32 6.00
CA GLN A 27 2.51 -18.51 6.90
C GLN A 27 1.55 -17.54 7.62
N ASP A 28 1.72 -17.35 8.94
CA ASP A 28 0.87 -16.42 9.72
C ASP A 28 0.56 -15.12 8.95
N VAL A 29 -0.71 -14.78 8.78
CA VAL A 29 -1.08 -13.53 8.11
C VAL A 29 -1.89 -12.65 9.05
N SER A 30 -1.90 -13.02 10.34
CA SER A 30 -2.65 -12.30 11.37
C SER A 30 -4.09 -12.05 10.95
N THR A 31 -4.78 -11.13 11.57
CA THR A 31 -6.16 -10.96 11.15
C THR A 31 -6.40 -10.20 9.84
N ALA A 32 -5.41 -10.03 8.97
CA ALA A 32 -5.65 -9.29 7.73
C ALA A 32 -6.34 -10.09 6.61
N VAL A 33 -7.36 -10.88 6.99
CA VAL A 33 -8.10 -11.73 6.06
C VAL A 33 -9.54 -11.31 5.79
N ALA A 34 -9.93 -11.31 4.50
CA ALA A 34 -11.27 -10.92 4.07
C ALA A 34 -12.01 -12.01 3.27
N TRP A 35 -13.32 -12.11 3.47
CA TRP A 35 -14.16 -13.08 2.76
C TRP A 35 -15.06 -12.37 1.73
N TYR A 36 -14.95 -12.73 0.46
CA TYR A 36 -15.80 -12.15 -0.58
C TYR A 36 -16.80 -13.22 -1.03
N GLN A 37 -17.96 -12.83 -1.54
CA GLN A 37 -18.94 -13.83 -1.98
C GLN A 37 -19.32 -13.54 -3.40
N GLN A 38 -19.32 -14.57 -4.23
CA GLN A 38 -19.63 -14.38 -5.62
C GLN A 38 -20.78 -15.17 -6.15
N LYS A 39 -21.84 -14.46 -6.45
CA LYS A 39 -23.03 -15.03 -7.03
C LYS A 39 -22.72 -15.10 -8.50
N PRO A 40 -23.33 -16.05 -9.20
CA PRO A 40 -23.12 -16.24 -10.63
C PRO A 40 -23.50 -15.03 -11.50
N GLY A 41 -22.61 -14.74 -12.45
CA GLY A 41 -22.81 -13.63 -13.35
C GLY A 41 -22.29 -12.35 -12.76
N GLN A 42 -22.96 -11.89 -11.71
CA GLN A 42 -22.59 -10.66 -11.06
C GLN A 42 -21.23 -10.73 -10.39
N SER A 43 -20.71 -9.56 -10.06
CA SER A 43 -19.41 -9.38 -9.41
C SER A 43 -19.39 -9.64 -7.87
N PRO A 44 -18.21 -10.03 -7.32
CA PRO A 44 -18.03 -10.32 -5.90
C PRO A 44 -18.09 -9.12 -4.96
N LYS A 45 -18.80 -9.33 -3.84
CA LYS A 45 -18.99 -8.33 -2.79
C LYS A 45 -18.21 -8.69 -1.52
N LEU A 46 -17.77 -7.67 -0.80
CA LEU A 46 -17.04 -7.90 0.42
C LEU A 46 -18.02 -8.30 1.51
N LEU A 47 -17.69 -9.32 2.29
CA LEU A 47 -18.57 -9.76 3.37
C LEU A 47 -17.98 -9.54 4.75
N ILE A 48 -16.84 -10.15 5.00
CA ILE A 48 -16.17 -10.05 6.28
C ILE A 48 -14.76 -9.56 6.07
N TYR A 49 -14.49 -8.36 6.56
CA TYR A 49 -13.17 -7.75 6.46
C TYR A 49 -12.47 -7.92 7.80
N SER A 50 -11.15 -7.85 7.79
CA SER A 50 -10.31 -8.04 8.99
C SER A 50 -10.65 -9.33 9.81
N ALA A 51 -11.05 -10.37 9.09
CA ALA A 51 -11.32 -11.65 9.70
C ALA A 51 -12.32 -11.75 10.81
N SER A 52 -13.16 -10.76 11.05
CA SER A 52 -14.11 -10.87 12.14
C SER A 52 -15.16 -9.76 12.12
N TYR A 53 -14.97 -8.74 11.30
CA TYR A 53 -15.89 -7.61 11.25
C TYR A 53 -16.71 -7.59 9.96
N GLN A 54 -18.03 -7.61 10.09
CA GLN A 54 -18.92 -7.60 8.93
C GLN A 54 -18.88 -6.26 8.24
N TYR A 55 -19.04 -6.30 6.93
CA TYR A 55 -19.05 -5.11 6.12
C TYR A 55 -20.48 -4.58 6.11
N THR A 56 -20.64 -3.30 5.79
CA THR A 56 -21.96 -2.66 5.74
C THR A 56 -22.87 -3.43 4.77
N GLY A 57 -24.18 -3.42 5.06
CA GLY A 57 -25.13 -4.11 4.22
C GLY A 57 -25.26 -5.61 4.46
N VAL A 58 -24.19 -6.23 4.94
CA VAL A 58 -24.18 -7.67 5.22
C VAL A 58 -24.98 -7.96 6.51
N PRO A 59 -25.64 -9.13 6.56
CA PRO A 59 -26.43 -9.51 7.73
C PRO A 59 -25.65 -10.21 8.89
N ASP A 60 -26.31 -10.29 10.05
CA ASP A 60 -25.76 -10.92 11.27
C ASP A 60 -25.72 -12.44 11.09
N ARG A 61 -26.16 -12.90 9.92
CA ARG A 61 -26.18 -14.32 9.60
C ARG A 61 -24.76 -14.72 9.32
N PHE A 62 -24.10 -13.88 8.50
CA PHE A 62 -22.73 -14.07 8.07
C PHE A 62 -21.74 -13.68 9.15
N THR A 63 -20.95 -14.67 9.58
CA THR A 63 -19.95 -14.49 10.62
C THR A 63 -18.56 -15.02 10.20
N GLY A 64 -17.54 -14.65 10.99
CA GLY A 64 -16.17 -15.07 10.72
C GLY A 64 -15.36 -15.22 12.00
N SER A 65 -14.37 -16.10 11.96
CA SER A 65 -13.47 -16.37 13.07
C SER A 65 -12.10 -16.47 12.39
N GLY A 66 -11.02 -16.45 13.15
CA GLY A 66 -9.71 -16.54 12.52
C GLY A 66 -8.65 -15.74 13.21
N SER A 67 -7.43 -16.24 13.16
CA SER A 67 -6.35 -15.61 13.87
C SER A 67 -4.99 -15.51 13.22
N ARG A 68 -4.36 -16.64 12.94
CA ARG A 68 -2.99 -16.58 12.45
C ARG A 68 -2.76 -17.44 11.23
N THR A 69 -3.18 -18.68 11.34
CA THR A 69 -3.02 -19.64 10.28
C THR A 69 -4.36 -20.26 9.89
N ASP A 70 -5.32 -20.28 10.83
CA ASP A 70 -6.63 -20.88 10.61
C ASP A 70 -7.79 -19.86 10.71
N PHE A 71 -8.63 -19.82 9.68
CA PHE A 71 -9.78 -18.90 9.58
C PHE A 71 -11.09 -19.65 9.18
N THR A 72 -12.25 -19.11 9.58
CA THR A 72 -13.56 -19.73 9.31
C THR A 72 -14.63 -18.67 9.00
N PHE A 73 -15.66 -19.09 8.29
CA PHE A 73 -16.76 -18.23 7.89
C PHE A 73 -17.98 -19.11 8.14
N THR A 74 -18.97 -18.64 8.89
CA THR A 74 -20.12 -19.45 9.19
C THR A 74 -21.40 -18.72 8.90
N ILE A 75 -22.25 -19.30 8.07
CA ILE A 75 -23.56 -18.72 7.77
C ILE A 75 -24.35 -19.59 8.71
N ASN A 76 -24.90 -18.99 9.75
CA ASN A 76 -25.60 -19.72 10.78
C ASN A 76 -26.81 -20.50 10.30
N SER A 77 -27.65 -19.90 9.45
CA SER A 77 -28.87 -20.55 8.91
C SER A 77 -28.95 -20.26 7.42
N VAL A 78 -28.60 -21.22 6.57
CA VAL A 78 -28.63 -20.93 5.13
C VAL A 78 -29.97 -20.67 4.49
N GLN A 79 -29.89 -19.93 3.40
CA GLN A 79 -31.04 -19.54 2.61
C GLN A 79 -30.85 -19.91 1.14
N ALA A 80 -31.95 -19.84 0.41
CA ALA A 80 -32.01 -20.15 -1.01
C ALA A 80 -31.13 -19.21 -1.82
N GLU A 81 -30.86 -18.02 -1.27
CA GLU A 81 -30.05 -16.97 -1.91
C GLU A 81 -28.53 -17.10 -1.74
N ASP A 82 -28.10 -17.69 -0.63
CA ASP A 82 -26.68 -17.83 -0.29
C ASP A 82 -25.89 -18.82 -1.14
N LEU A 83 -26.28 -18.90 -2.40
CA LEU A 83 -25.69 -19.79 -3.38
C LEU A 83 -24.58 -19.05 -4.10
N ALA A 84 -23.37 -19.56 -3.91
CA ALA A 84 -22.22 -18.91 -4.52
C ALA A 84 -20.90 -19.55 -4.21
N VAL A 85 -19.87 -18.85 -4.64
CA VAL A 85 -18.55 -19.33 -4.30
C VAL A 85 -18.00 -18.33 -3.31
N TYR A 86 -17.64 -18.82 -2.13
CA TYR A 86 -17.08 -17.98 -1.08
C TYR A 86 -15.58 -18.22 -1.08
N TYR A 87 -14.84 -17.13 -1.26
CA TYR A 87 -13.38 -17.13 -1.32
C TYR A 87 -12.86 -16.35 -0.12
N CYS A 88 -11.64 -16.66 0.30
CA CYS A 88 -10.99 -15.96 1.39
C CYS A 88 -9.81 -15.33 0.69
N HIS A 89 -9.31 -14.21 1.21
CA HIS A 89 -8.19 -13.52 0.56
C HIS A 89 -7.21 -12.89 1.55
N GLN A 90 -5.91 -13.15 1.46
CA GLN A 90 -4.98 -12.52 2.39
C GLN A 90 -4.56 -11.22 1.74
N HIS A 91 -4.23 -10.21 2.55
CA HIS A 91 -3.85 -8.87 2.07
C HIS A 91 -2.76 -8.34 2.99
N TYR A 92 -1.86 -9.24 3.38
CA TYR A 92 -0.71 -8.98 4.24
C TYR A 92 0.54 -8.77 3.34
N SER A 93 1.19 -9.83 2.84
CA SER A 93 2.38 -9.73 1.97
C SER A 93 2.05 -9.58 0.47
N THR A 94 2.99 -8.99 -0.28
CA THR A 94 2.91 -8.69 -1.72
C THR A 94 1.97 -9.46 -2.59
N PRO A 95 2.30 -10.73 -2.96
CA PRO A 95 1.31 -11.39 -3.82
C PRO A 95 0.08 -11.73 -2.99
N PHE A 96 -1.01 -11.01 -3.25
CA PHE A 96 -2.26 -11.25 -2.52
C PHE A 96 -2.83 -12.55 -3.05
N THR A 97 -2.49 -13.60 -2.34
CA THR A 97 -2.92 -14.92 -2.63
C THR A 97 -4.39 -15.04 -2.33
N PHE A 98 -5.10 -15.77 -3.18
CA PHE A 98 -6.55 -15.99 -3.03
C PHE A 98 -6.71 -17.50 -2.81
N GLY A 99 -7.84 -17.88 -2.24
CA GLY A 99 -8.15 -19.28 -2.03
C GLY A 99 -9.01 -19.67 -3.23
N SER A 100 -9.23 -20.97 -3.44
CA SER A 100 -9.99 -21.51 -4.59
C SER A 100 -11.48 -21.17 -4.68
N GLY A 101 -12.09 -21.01 -3.52
CA GLY A 101 -13.51 -20.71 -3.40
C GLY A 101 -14.23 -21.91 -2.85
N THR A 102 -15.52 -21.75 -2.58
CA THR A 102 -16.34 -22.87 -2.09
C THR A 102 -17.78 -22.65 -2.57
N LYS A 103 -18.27 -23.49 -3.47
CA LYS A 103 -19.64 -23.35 -3.96
C LYS A 103 -20.57 -24.05 -2.96
N LEU A 104 -21.73 -23.45 -2.72
CA LEU A 104 -22.70 -24.02 -1.80
C LEU A 104 -23.84 -24.65 -2.60
N GLU A 105 -24.05 -25.94 -2.41
CA GLU A 105 -25.10 -26.64 -3.13
C GLU A 105 -26.14 -26.97 -2.08
N ILE A 106 -27.17 -26.15 -1.98
CA ILE A 106 -28.24 -26.37 -1.03
C ILE A 106 -29.06 -27.62 -1.34
N LYS A 107 -29.08 -28.53 -0.38
CA LYS A 107 -29.81 -29.76 -0.49
C LYS A 107 -31.27 -29.37 -0.35
N ARG A 108 -32.16 -30.00 -1.12
CA ARG A 108 -33.60 -29.74 -1.02
C ARG A 108 -34.46 -30.94 -1.44
N ALA A 109 -35.79 -30.80 -1.32
CA ALA A 109 -36.73 -31.86 -1.69
C ALA A 109 -36.93 -32.03 -3.21
N ASP A 110 -36.89 -33.28 -3.66
CA ASP A 110 -37.06 -33.68 -5.08
C ASP A 110 -38.20 -32.99 -5.81
N ALA A 111 -38.01 -32.76 -7.10
CA ALA A 111 -39.06 -32.12 -7.85
C ALA A 111 -39.00 -32.52 -9.33
N ALA A 112 -40.14 -32.92 -9.87
CA ALA A 112 -40.16 -33.29 -11.27
C ALA A 112 -40.24 -31.97 -12.04
N PRO A 113 -39.69 -31.94 -13.25
CA PRO A 113 -39.67 -30.77 -14.13
C PRO A 113 -40.87 -30.52 -15.01
N THR A 114 -41.24 -29.25 -15.16
CA THR A 114 -42.32 -28.90 -16.08
C THR A 114 -41.59 -29.06 -17.43
N VAL A 115 -42.25 -29.63 -18.43
CA VAL A 115 -41.59 -29.88 -19.71
C VAL A 115 -42.32 -29.18 -20.85
N SER A 116 -41.55 -28.69 -21.80
CA SER A 116 -42.09 -27.98 -22.95
C SER A 116 -41.29 -28.32 -24.22
N ILE A 117 -41.96 -28.77 -25.26
CA ILE A 117 -41.25 -29.10 -26.47
C ILE A 117 -41.73 -28.08 -27.46
N PHE A 118 -40.78 -27.49 -28.17
CA PHE A 118 -41.08 -26.47 -29.15
C PHE A 118 -40.71 -26.88 -30.54
N PRO A 119 -41.62 -26.66 -31.47
CA PRO A 119 -41.36 -26.99 -32.87
C PRO A 119 -40.61 -25.78 -33.45
N PRO A 120 -39.74 -26.02 -34.45
CA PRO A 120 -38.96 -24.97 -35.12
C PRO A 120 -39.81 -23.78 -35.57
N SER A 121 -39.27 -22.58 -35.48
CA SER A 121 -40.02 -21.41 -35.93
C SER A 121 -40.14 -21.35 -37.47
N SER A 122 -41.22 -20.74 -37.93
CA SER A 122 -41.48 -20.55 -39.34
C SER A 122 -40.28 -19.87 -39.99
N GLU A 123 -39.87 -18.73 -39.44
CA GLU A 123 -38.76 -17.90 -39.94
C GLU A 123 -37.44 -18.64 -40.05
N GLN A 124 -37.19 -19.49 -39.07
CA GLN A 124 -36.00 -20.31 -39.00
C GLN A 124 -35.90 -21.24 -40.18
N LEU A 125 -36.94 -22.06 -40.41
CA LEU A 125 -36.88 -23.01 -41.52
C LEU A 125 -36.74 -22.39 -42.88
N THR A 126 -37.30 -21.22 -43.09
CA THR A 126 -37.11 -20.60 -44.40
C THR A 126 -35.59 -20.33 -44.61
N SER A 127 -34.91 -19.92 -43.55
CA SER A 127 -33.47 -19.61 -43.59
C SER A 127 -32.56 -20.82 -43.74
N GLY A 128 -33.16 -22.01 -43.58
CA GLY A 128 -32.40 -23.25 -43.68
C GLY A 128 -32.29 -24.19 -42.47
N GLY A 129 -32.35 -23.66 -41.24
CA GLY A 129 -32.25 -24.51 -40.08
C GLY A 129 -33.58 -24.99 -39.53
N ALA A 130 -33.55 -26.02 -38.70
CA ALA A 130 -34.75 -26.56 -38.10
C ALA A 130 -34.39 -27.01 -36.68
N SER A 131 -34.38 -26.05 -35.78
CA SER A 131 -34.06 -26.28 -34.39
C SER A 131 -35.30 -26.45 -33.49
N VAL A 132 -35.39 -27.66 -32.96
CA VAL A 132 -36.43 -28.07 -32.05
C VAL A 132 -35.72 -27.98 -30.71
N VAL A 133 -36.40 -27.38 -29.73
CA VAL A 133 -35.83 -27.21 -28.40
C VAL A 133 -36.76 -27.75 -27.32
N CYS A 134 -36.17 -28.15 -26.22
CA CYS A 134 -36.97 -28.67 -25.15
C CYS A 134 -36.47 -28.07 -23.83
N PHE A 135 -37.38 -27.48 -23.08
CA PHE A 135 -37.04 -26.93 -21.78
C PHE A 135 -37.53 -27.87 -20.69
N LEU A 136 -36.63 -28.29 -19.83
CA LEU A 136 -36.97 -29.16 -18.74
C LEU A 136 -36.77 -28.20 -17.57
N ASN A 137 -37.85 -27.57 -17.14
CA ASN A 137 -37.77 -26.61 -16.08
C ASN A 137 -38.04 -27.06 -14.67
N ASN A 138 -37.40 -26.37 -13.75
CA ASN A 138 -37.50 -26.53 -12.30
C ASN A 138 -37.47 -27.92 -11.70
N PHE A 139 -36.36 -28.62 -11.85
CA PHE A 139 -36.22 -29.97 -11.29
C PHE A 139 -35.17 -30.10 -10.15
N TYR A 140 -35.09 -31.29 -9.57
CA TYR A 140 -34.14 -31.63 -8.51
C TYR A 140 -34.28 -33.12 -8.15
N PRO A 141 -33.16 -33.89 -8.07
CA PRO A 141 -31.72 -33.67 -8.26
C PRO A 141 -31.31 -33.11 -9.60
N LYS A 142 -30.02 -32.82 -9.72
CA LYS A 142 -29.41 -32.24 -10.91
C LYS A 142 -29.42 -33.11 -12.16
N ASP A 143 -29.01 -34.36 -12.03
CA ASP A 143 -28.97 -35.17 -13.22
C ASP A 143 -30.32 -35.54 -13.72
N ILE A 144 -30.42 -35.41 -15.03
CA ILE A 144 -31.62 -35.68 -15.75
C ILE A 144 -31.10 -36.36 -17.01
N ASN A 145 -31.84 -37.33 -17.49
CA ASN A 145 -31.43 -37.99 -18.68
C ASN A 145 -32.37 -37.48 -19.72
N VAL A 146 -31.90 -36.54 -20.50
CA VAL A 146 -32.73 -36.06 -21.59
C VAL A 146 -32.46 -37.08 -22.69
N LYS A 147 -33.46 -37.25 -23.53
CA LYS A 147 -33.41 -38.20 -24.60
C LYS A 147 -34.48 -37.80 -25.58
N TRP A 148 -34.13 -37.79 -26.83
CA TRP A 148 -35.07 -37.45 -27.88
C TRP A 148 -35.45 -38.78 -28.52
N LYS A 149 -36.35 -38.72 -29.51
CA LYS A 149 -36.83 -39.90 -30.27
C LYS A 149 -37.50 -39.34 -31.53
N ILE A 150 -36.93 -39.62 -32.70
CA ILE A 150 -37.60 -39.11 -33.90
C ILE A 150 -38.07 -40.22 -34.82
N ASP A 151 -39.39 -40.20 -35.03
CA ASP A 151 -40.07 -41.15 -35.87
C ASP A 151 -39.93 -42.60 -35.38
N GLY A 152 -39.50 -42.73 -34.13
CA GLY A 152 -39.30 -44.04 -33.54
C GLY A 152 -38.12 -44.02 -32.60
N SER A 153 -36.97 -44.52 -33.03
CA SER A 153 -35.79 -44.57 -32.18
C SER A 153 -35.26 -43.16 -31.89
N GLU A 154 -34.31 -43.10 -30.97
CA GLU A 154 -33.69 -41.86 -30.54
C GLU A 154 -32.59 -41.33 -31.46
N ARG A 155 -32.33 -40.04 -31.41
CA ARG A 155 -31.30 -39.46 -32.24
C ARG A 155 -30.21 -39.04 -31.23
N GLN A 156 -28.96 -39.32 -31.55
CA GLN A 156 -27.89 -38.98 -30.62
C GLN A 156 -27.11 -37.72 -31.06
N ASN A 157 -26.74 -37.61 -32.34
CA ASN A 157 -26.04 -36.42 -32.83
C ASN A 157 -27.06 -35.31 -33.20
N GLY A 158 -26.59 -34.07 -33.26
CA GLY A 158 -27.47 -32.95 -33.57
C GLY A 158 -27.86 -32.16 -32.32
N VAL A 159 -27.73 -32.80 -31.16
CA VAL A 159 -28.09 -32.20 -29.88
C VAL A 159 -27.03 -31.35 -29.20
N LEU A 160 -27.45 -30.48 -28.29
CA LEU A 160 -26.57 -29.65 -27.48
C LEU A 160 -27.33 -29.06 -26.30
N ASN A 161 -27.09 -29.65 -25.12
CA ASN A 161 -27.73 -29.28 -23.84
C ASN A 161 -27.13 -28.03 -23.11
N SER A 162 -27.86 -27.52 -22.13
CA SER A 162 -27.43 -26.35 -21.37
C SER A 162 -28.18 -26.21 -20.06
N TRP A 163 -27.44 -25.85 -19.03
CA TRP A 163 -27.98 -25.74 -17.67
C TRP A 163 -27.79 -24.38 -17.01
N THR A 164 -28.50 -24.16 -15.92
CA THR A 164 -28.40 -22.96 -15.10
C THR A 164 -27.91 -23.53 -13.74
N ASP A 165 -27.22 -22.75 -12.92
CA ASP A 165 -26.77 -23.26 -11.62
C ASP A 165 -28.00 -23.14 -10.71
N GLN A 166 -28.00 -23.82 -9.56
CA GLN A 166 -29.16 -23.76 -8.64
C GLN A 166 -29.88 -22.41 -8.65
N ASP A 167 -31.16 -22.41 -8.96
CA ASP A 167 -31.96 -21.19 -9.00
C ASP A 167 -31.99 -20.66 -7.59
N SER A 168 -31.62 -19.40 -7.44
CA SER A 168 -31.57 -18.74 -6.16
C SER A 168 -32.90 -18.52 -5.44
N LYS A 169 -34.03 -18.64 -6.13
CA LYS A 169 -35.31 -18.42 -5.46
C LYS A 169 -36.05 -19.68 -4.96
N ASP A 170 -35.65 -20.84 -5.44
CA ASP A 170 -36.24 -22.07 -4.95
C ASP A 170 -35.27 -23.21 -4.98
N SER A 171 -34.00 -22.90 -5.22
CA SER A 171 -32.91 -23.87 -5.26
C SER A 171 -33.09 -24.99 -6.27
N THR A 172 -33.77 -24.67 -7.36
CA THR A 172 -34.03 -25.67 -8.38
C THR A 172 -33.20 -25.48 -9.66
N TYR A 173 -32.84 -26.58 -10.32
CA TYR A 173 -32.07 -26.49 -11.56
C TYR A 173 -33.03 -26.40 -12.73
N SER A 174 -32.51 -26.22 -13.94
CA SER A 174 -33.33 -26.13 -15.16
C SER A 174 -32.39 -26.37 -16.34
N MET A 175 -32.92 -26.84 -17.45
CA MET A 175 -32.06 -27.12 -18.59
C MET A 175 -32.70 -27.00 -19.97
N SER A 176 -31.90 -26.62 -20.93
CA SER A 176 -32.38 -26.51 -22.29
C SER A 176 -31.68 -27.62 -23.06
N SER A 177 -32.41 -28.19 -24.03
CA SER A 177 -31.92 -29.25 -24.90
C SER A 177 -32.38 -28.87 -26.30
N THR A 178 -31.44 -28.70 -27.21
CA THR A 178 -31.79 -28.30 -28.56
C THR A 178 -31.26 -29.32 -29.55
N LEU A 179 -32.09 -29.67 -30.52
CA LEU A 179 -31.67 -30.59 -31.55
C LEU A 179 -31.77 -29.74 -32.80
N THR A 180 -30.80 -29.86 -33.67
CA THR A 180 -30.82 -29.06 -34.88
C THR A 180 -30.67 -29.90 -36.13
N LEU A 181 -31.72 -29.85 -36.93
CA LEU A 181 -31.77 -30.58 -38.16
C LEU A 181 -31.72 -29.50 -39.21
N THR A 182 -31.71 -29.91 -40.47
CA THR A 182 -31.72 -28.94 -41.56
C THR A 182 -33.16 -29.04 -42.09
N LYS A 183 -33.73 -27.95 -42.62
CA LYS A 183 -35.13 -27.98 -43.14
C LYS A 183 -35.46 -29.30 -43.86
N ASP A 184 -34.48 -29.81 -44.61
CA ASP A 184 -34.58 -31.08 -45.32
C ASP A 184 -34.84 -32.22 -44.36
N GLU A 185 -33.85 -32.59 -43.55
CA GLU A 185 -34.00 -33.68 -42.59
C GLU A 185 -35.32 -33.59 -41.83
N TYR A 186 -35.73 -32.36 -41.51
CA TYR A 186 -36.97 -32.08 -40.77
C TYR A 186 -38.28 -32.47 -41.51
N GLU A 187 -38.41 -32.11 -42.79
CA GLU A 187 -39.62 -32.45 -43.57
C GLU A 187 -39.72 -33.96 -43.93
N ARG A 188 -38.66 -34.71 -43.61
CA ARG A 188 -38.66 -36.13 -43.86
C ARG A 188 -39.17 -36.84 -42.60
N HIS A 189 -39.40 -36.10 -41.52
CA HIS A 189 -39.87 -36.72 -40.28
C HIS A 189 -41.16 -36.06 -39.75
N ASN A 190 -42.09 -36.84 -39.19
CA ASN A 190 -43.36 -36.27 -38.67
C ASN A 190 -43.44 -36.26 -37.14
N SER A 191 -43.21 -37.38 -36.45
CA SER A 191 -43.23 -37.40 -34.96
C SER A 191 -41.91 -37.13 -34.20
N TYR A 192 -41.99 -36.26 -33.19
CA TYR A 192 -40.88 -35.85 -32.33
C TYR A 192 -41.19 -35.90 -30.83
N THR A 193 -40.34 -36.60 -30.08
CA THR A 193 -40.55 -36.74 -28.66
C THR A 193 -39.40 -36.21 -27.77
N CYS A 194 -39.74 -35.47 -26.71
CA CYS A 194 -38.76 -34.96 -25.75
C CYS A 194 -38.92 -35.93 -24.57
N GLU A 195 -37.85 -36.63 -24.24
CA GLU A 195 -37.90 -37.66 -23.22
C GLU A 195 -37.12 -37.46 -21.93
N ALA A 196 -37.74 -36.87 -20.93
CA ALA A 196 -37.05 -36.63 -19.69
C ALA A 196 -37.01 -37.77 -18.67
N THR A 197 -35.98 -38.59 -18.73
CA THR A 197 -35.84 -39.68 -17.76
C THR A 197 -35.23 -39.03 -16.49
N HIS A 198 -35.81 -39.28 -15.32
CA HIS A 198 -35.33 -38.64 -14.07
C HIS A 198 -35.84 -39.13 -12.70
N LYS A 199 -34.88 -39.34 -11.82
CA LYS A 199 -35.04 -39.76 -10.41
C LYS A 199 -36.39 -39.71 -9.61
N THR A 200 -37.12 -38.58 -9.64
CA THR A 200 -38.38 -38.43 -8.88
C THR A 200 -39.70 -39.00 -9.48
N SER A 201 -39.58 -39.96 -10.39
CA SER A 201 -40.70 -40.63 -11.02
C SER A 201 -40.07 -41.83 -11.67
N THR A 202 -40.51 -43.04 -11.29
CA THR A 202 -39.93 -44.24 -11.89
C THR A 202 -40.24 -44.27 -13.41
N SER A 203 -41.27 -43.50 -13.78
CA SER A 203 -41.68 -43.34 -15.17
C SER A 203 -41.55 -41.87 -15.61
N PRO A 204 -40.86 -41.66 -16.76
CA PRO A 204 -40.51 -40.45 -17.53
C PRO A 204 -41.60 -39.46 -17.94
N ILE A 205 -41.21 -38.17 -18.05
CA ILE A 205 -42.17 -37.14 -18.50
C ILE A 205 -41.93 -37.11 -19.99
N VAL A 206 -42.99 -37.17 -20.79
CA VAL A 206 -42.89 -37.18 -22.24
C VAL A 206 -43.68 -36.07 -22.91
N LYS A 207 -43.00 -35.16 -23.61
CA LYS A 207 -43.71 -34.11 -24.30
C LYS A 207 -43.41 -34.37 -25.76
N SER A 208 -44.41 -34.19 -26.61
CA SER A 208 -44.28 -34.47 -28.04
C SER A 208 -45.18 -33.66 -28.93
N PHE A 209 -44.92 -33.82 -30.22
CA PHE A 209 -45.69 -33.19 -31.26
C PHE A 209 -45.21 -33.83 -32.55
N ASN A 210 -46.02 -33.71 -33.61
CA ASN A 210 -45.69 -34.20 -34.93
C ASN A 210 -46.22 -33.16 -35.91
N ARG A 211 -45.54 -33.00 -37.05
CA ARG A 211 -45.92 -32.00 -38.07
C ARG A 211 -47.41 -31.78 -38.36
N ASN A 212 -47.83 -30.63 -37.83
CA ASN A 212 -49.18 -30.13 -37.92
C ASN A 212 -49.00 -28.82 -38.74
N GLU A 213 -49.88 -27.84 -38.53
CA GLU A 213 -49.84 -26.52 -39.21
C GLU A 213 -50.86 -25.60 -38.49
N CYS A 214 -50.30 -24.62 -37.75
CA CYS A 214 -51.07 -23.69 -36.87
C CYS A 214 -51.10 -22.14 -37.05
N GLN B 1 -24.12 6.07 -4.40
CA GLN B 1 -23.66 7.08 -5.42
C GLN B 1 -22.31 6.62 -5.96
N ILE B 2 -21.62 5.83 -5.16
CA ILE B 2 -20.32 5.30 -5.55
C ILE B 2 -20.38 4.01 -6.38
N GLN B 3 -19.83 4.09 -7.59
CA GLN B 3 -19.85 2.95 -8.49
C GLN B 3 -18.65 2.92 -9.45
N LEU B 4 -18.21 1.72 -9.79
CA LEU B 4 -17.08 1.57 -10.71
C LEU B 4 -17.62 0.99 -11.99
N VAL B 5 -17.52 1.76 -13.06
CA VAL B 5 -18.01 1.33 -14.36
C VAL B 5 -16.83 1.05 -15.28
N GLN B 6 -16.86 -0.10 -15.95
CA GLN B 6 -15.78 -0.48 -16.84
C GLN B 6 -16.07 -0.31 -18.33
N SER B 7 -15.14 -0.81 -19.13
CA SER B 7 -15.22 -0.76 -20.57
C SER B 7 -16.25 -1.81 -20.96
N GLY B 8 -16.62 -1.84 -22.23
CA GLY B 8 -17.56 -2.83 -22.70
C GLY B 8 -16.75 -4.07 -23.01
N PRO B 9 -17.43 -5.16 -23.41
CA PRO B 9 -16.75 -6.40 -23.74
C PRO B 9 -15.90 -6.15 -24.97
N GLU B 10 -14.87 -6.98 -25.16
CA GLU B 10 -13.93 -6.88 -26.28
C GLU B 10 -13.57 -8.25 -26.90
N LEU B 11 -13.42 -8.27 -28.23
CA LEU B 11 -12.98 -9.47 -28.96
C LEU B 11 -11.65 -9.05 -29.58
N LYS B 12 -10.62 -9.85 -29.41
CA LYS B 12 -9.35 -9.46 -29.96
C LYS B 12 -8.71 -10.74 -30.44
N LYS B 13 -8.04 -10.67 -31.59
CA LYS B 13 -7.34 -11.81 -32.21
C LYS B 13 -6.05 -12.01 -31.44
N PRO B 14 -5.53 -13.26 -31.37
CA PRO B 14 -4.30 -13.43 -30.61
C PRO B 14 -3.08 -12.66 -31.16
N GLY B 15 -2.35 -12.04 -30.23
CA GLY B 15 -1.18 -11.25 -30.57
C GLY B 15 -1.49 -9.78 -30.39
N GLU B 16 -2.75 -9.42 -30.60
CA GLU B 16 -3.19 -8.05 -30.48
C GLU B 16 -3.03 -7.43 -29.07
N THR B 17 -3.47 -6.18 -28.93
CA THR B 17 -3.36 -5.42 -27.69
C THR B 17 -4.74 -4.89 -27.30
N VAL B 18 -4.97 -4.69 -26.00
CA VAL B 18 -6.23 -4.16 -25.49
C VAL B 18 -5.97 -3.28 -24.26
N LYS B 19 -6.84 -2.30 -24.05
CA LYS B 19 -6.78 -1.35 -22.93
C LYS B 19 -8.19 -1.24 -22.34
N ILE B 20 -8.33 -1.65 -21.08
CA ILE B 20 -9.63 -1.60 -20.42
C ILE B 20 -9.65 -0.53 -19.32
N SER B 21 -10.64 0.35 -19.38
CA SER B 21 -10.76 1.40 -18.39
C SER B 21 -11.64 0.95 -17.23
N CYS B 22 -11.54 1.66 -16.11
CA CYS B 22 -12.34 1.43 -14.90
C CYS B 22 -12.45 2.78 -14.23
N LYS B 23 -13.56 3.45 -14.51
CA LYS B 23 -13.82 4.76 -13.95
C LYS B 23 -14.51 4.80 -12.55
N ALA B 24 -14.13 5.80 -11.75
CA ALA B 24 -14.67 5.99 -10.42
C ALA B 24 -15.75 7.04 -10.54
N SER B 25 -16.57 7.20 -9.50
CA SER B 25 -17.65 8.17 -9.45
C SER B 25 -18.18 8.10 -8.03
N GLY B 26 -18.84 9.17 -7.60
CA GLY B 26 -19.37 9.22 -6.25
C GLY B 26 -18.34 9.44 -5.15
N TYR B 27 -17.05 9.34 -5.49
CA TYR B 27 -15.95 9.53 -4.55
C TYR B 27 -14.64 10.06 -5.23
N THR B 28 -13.64 10.47 -4.44
CA THR B 28 -12.38 10.98 -5.00
C THR B 28 -11.33 9.90 -5.25
N PHE B 29 -11.10 9.69 -6.54
CA PHE B 29 -10.20 8.68 -7.08
C PHE B 29 -8.78 8.60 -6.50
N THR B 30 -8.35 9.67 -5.85
CA THR B 30 -6.99 9.70 -5.35
C THR B 30 -6.70 9.43 -3.87
N ASN B 31 -7.74 9.13 -3.11
CA ASN B 31 -7.59 8.88 -1.69
C ASN B 31 -7.62 7.42 -1.32
N TYR B 32 -7.90 6.54 -2.28
CA TYR B 32 -7.96 5.10 -2.02
C TYR B 32 -7.24 4.39 -3.17
N GLY B 33 -6.68 3.21 -2.89
CA GLY B 33 -5.97 2.44 -3.91
C GLY B 33 -6.85 1.63 -4.84
N MET B 34 -6.24 0.83 -5.72
CA MET B 34 -6.97 0.01 -6.71
C MET B 34 -6.30 -1.31 -7.09
N ASN B 35 -7.08 -2.38 -7.21
CA ASN B 35 -6.55 -3.69 -7.60
C ASN B 35 -7.14 -4.17 -8.91
N TRP B 36 -6.40 -5.01 -9.62
CA TRP B 36 -6.93 -5.58 -10.82
C TRP B 36 -6.91 -7.06 -10.53
N VAL B 37 -8.08 -7.69 -10.60
CA VAL B 37 -8.21 -9.14 -10.36
C VAL B 37 -8.66 -9.82 -11.67
N LYS B 38 -8.37 -11.11 -11.81
CA LYS B 38 -8.75 -11.82 -13.03
C LYS B 38 -9.43 -13.16 -12.70
N GLN B 39 -10.43 -13.52 -13.49
CA GLN B 39 -11.11 -14.80 -13.28
C GLN B 39 -11.25 -15.54 -14.61
N ALA B 40 -10.42 -16.56 -14.79
CA ALA B 40 -10.44 -17.37 -15.99
C ALA B 40 -11.81 -18.06 -16.06
N PRO B 41 -12.33 -18.34 -17.27
CA PRO B 41 -13.64 -18.99 -17.36
C PRO B 41 -13.76 -20.26 -16.54
N GLY B 42 -14.84 -20.30 -15.76
CA GLY B 42 -15.10 -21.43 -14.90
C GLY B 42 -14.18 -21.32 -13.71
N LYS B 43 -12.91 -21.07 -13.98
CA LYS B 43 -11.88 -20.91 -12.96
C LYS B 43 -12.05 -19.82 -11.89
N GLY B 44 -11.04 -19.68 -11.03
CA GLY B 44 -11.10 -18.74 -9.93
C GLY B 44 -10.39 -17.41 -10.00
N LEU B 45 -10.65 -16.59 -8.98
CA LEU B 45 -10.11 -15.24 -8.83
C LEU B 45 -8.62 -15.13 -8.53
N LYS B 46 -7.87 -14.52 -9.43
CA LYS B 46 -6.45 -14.35 -9.20
C LYS B 46 -6.04 -12.87 -9.17
N TRP B 47 -5.35 -12.50 -8.10
CA TRP B 47 -4.85 -11.15 -7.92
C TRP B 47 -3.75 -10.84 -8.94
N MET B 48 -3.92 -9.75 -9.69
CA MET B 48 -2.96 -9.33 -10.69
C MET B 48 -1.97 -8.28 -10.20
N ALA B 49 -2.50 -7.10 -9.92
CA ALA B 49 -1.72 -5.98 -9.49
C ALA B 49 -2.50 -5.09 -8.53
N TRP B 50 -1.76 -4.16 -7.92
CA TRP B 50 -2.28 -3.18 -6.99
C TRP B 50 -1.64 -1.86 -7.42
N ILE B 51 -2.31 -0.73 -7.21
CA ILE B 51 -1.75 0.56 -7.61
C ILE B 51 -2.15 1.72 -6.72
N ASN B 52 -1.22 2.62 -6.46
CA ASN B 52 -1.51 3.80 -5.64
C ASN B 52 -1.90 4.83 -6.67
N THR B 53 -3.15 5.19 -6.69
CA THR B 53 -3.63 6.15 -7.65
C THR B 53 -3.01 7.56 -7.55
N TYR B 54 -2.19 7.77 -6.51
CA TYR B 54 -1.53 9.05 -6.28
C TYR B 54 -0.13 9.21 -6.91
N THR B 55 0.74 8.22 -6.74
CA THR B 55 2.06 8.32 -7.35
C THR B 55 2.08 7.56 -8.66
N GLY B 56 1.00 6.83 -8.94
CA GLY B 56 0.90 6.06 -10.17
C GLY B 56 1.85 4.89 -10.17
N GLU B 57 2.18 4.42 -8.97
CA GLU B 57 3.11 3.32 -8.82
C GLU B 57 2.38 2.02 -8.53
N PRO B 58 2.51 1.04 -9.44
CA PRO B 58 1.89 -0.29 -9.36
C PRO B 58 2.83 -1.35 -8.85
N THR B 59 2.27 -2.44 -8.36
CA THR B 59 3.10 -3.54 -7.92
C THR B 59 2.43 -4.71 -8.53
N TYR B 60 3.10 -5.32 -9.48
CA TYR B 60 2.54 -6.45 -10.16
C TYR B 60 2.86 -7.73 -9.45
N ALA B 61 1.95 -8.68 -9.62
CA ALA B 61 2.16 -10.00 -9.08
C ALA B 61 3.13 -10.50 -10.15
N ASP B 62 3.99 -11.45 -9.79
CA ASP B 62 4.94 -11.93 -10.78
C ASP B 62 4.39 -12.45 -12.11
N ASP B 63 3.30 -13.20 -12.04
CA ASP B 63 2.69 -13.78 -13.22
C ASP B 63 2.14 -12.75 -14.18
N PHE B 64 2.16 -11.47 -13.78
CA PHE B 64 1.64 -10.40 -14.61
C PHE B 64 2.64 -9.27 -14.88
N LYS B 65 3.89 -9.43 -14.45
CA LYS B 65 4.88 -8.38 -14.70
C LYS B 65 5.57 -8.75 -15.99
N GLY B 66 5.20 -8.10 -17.08
CA GLY B 66 5.81 -8.39 -18.36
C GLY B 66 5.14 -7.59 -19.46
N ARG B 67 4.12 -8.20 -20.06
CA ARG B 67 3.36 -7.56 -21.14
C ARG B 67 2.05 -7.09 -20.57
N PHE B 68 2.11 -6.49 -19.38
CA PHE B 68 0.96 -5.95 -18.66
C PHE B 68 1.30 -4.58 -18.13
N ALA B 69 0.57 -3.60 -18.64
CA ALA B 69 0.79 -2.22 -18.25
C ALA B 69 -0.44 -1.65 -17.57
N PHE B 70 -0.31 -1.51 -16.26
CA PHE B 70 -1.34 -0.95 -15.44
C PHE B 70 -1.00 0.54 -15.29
N SER B 71 -1.79 1.39 -15.95
CA SER B 71 -1.60 2.83 -15.90
C SER B 71 -2.76 3.49 -15.14
N LEU B 72 -3.10 4.75 -15.50
CA LEU B 72 -4.19 5.54 -14.89
C LEU B 72 -4.25 6.97 -15.46
N GLU B 73 -5.44 7.54 -15.44
CA GLU B 73 -5.66 8.90 -15.92
C GLU B 73 -6.45 9.61 -14.82
N THR B 74 -5.71 10.19 -13.87
CA THR B 74 -6.29 10.84 -12.70
C THR B 74 -7.37 11.91 -12.88
N SER B 75 -7.18 12.84 -13.80
CA SER B 75 -8.16 13.90 -14.04
C SER B 75 -9.60 13.38 -14.18
N ALA B 76 -9.72 12.35 -15.01
CA ALA B 76 -10.98 11.67 -15.32
C ALA B 76 -11.31 10.48 -14.38
N SER B 77 -10.52 10.32 -13.31
CA SER B 77 -10.69 9.26 -12.32
C SER B 77 -10.91 7.86 -12.92
N THR B 78 -10.00 7.43 -13.78
CA THR B 78 -10.08 6.13 -14.44
C THR B 78 -8.72 5.48 -14.43
N ALA B 79 -8.70 4.15 -14.33
CA ALA B 79 -7.46 3.35 -14.35
C ALA B 79 -7.53 2.60 -15.68
N TYR B 80 -6.43 1.96 -16.08
CA TYR B 80 -6.40 1.22 -17.35
C TYR B 80 -5.49 0.02 -17.23
N LEU B 81 -5.85 -1.06 -17.89
CA LEU B 81 -4.97 -2.23 -17.92
C LEU B 81 -4.63 -2.35 -19.39
N GLN B 82 -3.36 -2.59 -19.67
CA GLN B 82 -2.91 -2.74 -21.04
C GLN B 82 -2.44 -4.19 -21.16
N ILE B 83 -2.80 -4.82 -22.25
CA ILE B 83 -2.39 -6.18 -22.46
C ILE B 83 -1.82 -6.30 -23.88
N ASN B 84 -0.57 -6.73 -23.96
CA ASN B 84 0.12 -6.84 -25.22
C ASN B 84 0.37 -8.27 -25.60
N ASN B 85 0.29 -8.57 -26.89
CA ASN B 85 0.50 -9.91 -27.43
C ASN B 85 -0.41 -10.87 -26.71
N LEU B 86 -1.70 -10.65 -26.90
CA LEU B 86 -2.73 -11.48 -26.29
C LEU B 86 -2.53 -12.97 -26.57
N LYS B 87 -3.05 -13.83 -25.71
CA LYS B 87 -2.93 -15.27 -25.91
C LYS B 87 -4.13 -16.05 -25.32
N ASN B 88 -4.24 -17.33 -25.66
CA ASN B 88 -5.32 -18.19 -25.19
C ASN B 88 -5.75 -17.91 -23.76
N GLU B 89 -4.79 -17.88 -22.86
CA GLU B 89 -5.08 -17.65 -21.46
C GLU B 89 -5.69 -16.28 -21.17
N ASP B 90 -5.36 -15.30 -22.01
CA ASP B 90 -5.87 -13.94 -21.82
C ASP B 90 -7.36 -13.71 -21.85
N THR B 91 -8.10 -14.78 -22.03
CA THR B 91 -9.54 -14.76 -22.08
C THR B 91 -9.96 -14.93 -20.65
N ALA B 92 -10.71 -13.96 -20.15
CA ALA B 92 -11.18 -14.02 -18.80
C ALA B 92 -11.89 -12.73 -18.55
N THR B 93 -12.52 -12.69 -17.40
CA THR B 93 -13.25 -11.52 -17.00
C THR B 93 -12.33 -10.83 -16.03
N TYR B 94 -12.00 -9.58 -16.34
CA TYR B 94 -11.09 -8.78 -15.55
C TYR B 94 -11.82 -7.74 -14.67
N PHE B 95 -11.48 -7.68 -13.38
CA PHE B 95 -12.11 -6.80 -12.35
C PHE B 95 -11.29 -5.73 -11.58
N CYS B 96 -11.81 -4.51 -11.43
CA CYS B 96 -11.12 -3.50 -10.61
C CYS B 96 -11.86 -3.42 -9.26
N ALA B 97 -11.11 -3.50 -8.15
CA ALA B 97 -11.67 -3.45 -6.80
C ALA B 97 -10.96 -2.37 -6.05
N ARG B 98 -11.71 -1.53 -5.35
CA ARG B 98 -11.11 -0.44 -4.62
C ARG B 98 -10.52 -0.88 -3.32
N ASP B 99 -9.32 -0.42 -3.00
CA ASP B 99 -8.74 -0.83 -1.73
C ASP B 99 -9.18 0.11 -0.60
N GLY B 100 -9.72 -0.48 0.45
CA GLY B 100 -10.17 0.30 1.56
C GLY B 100 -9.51 -0.09 2.85
N TYR B 101 -9.40 0.87 3.75
CA TYR B 101 -8.81 0.60 5.01
C TYR B 101 -9.98 0.41 5.94
N TYR B 102 -9.94 -0.67 6.70
CA TYR B 102 -10.97 -0.98 7.68
C TYR B 102 -10.23 -1.74 8.75
N GLU B 103 -10.40 -1.29 9.99
CA GLU B 103 -9.81 -1.98 11.15
C GLU B 103 -8.36 -2.39 11.05
N ASN B 104 -7.47 -1.44 10.83
CA ASN B 104 -6.03 -1.73 10.73
C ASN B 104 -5.59 -2.42 9.43
N TYR B 105 -6.51 -2.91 8.61
CA TYR B 105 -6.09 -3.64 7.42
C TYR B 105 -6.90 -3.31 6.22
N TYR B 106 -6.47 -3.78 5.07
CA TYR B 106 -7.17 -3.47 3.83
C TYR B 106 -8.08 -4.58 3.29
N ALA B 107 -9.02 -4.17 2.45
CA ALA B 107 -9.97 -5.05 1.80
C ALA B 107 -10.47 -4.28 0.61
N MET B 108 -10.93 -5.00 -0.41
CA MET B 108 -11.40 -4.40 -1.66
C MET B 108 -12.88 -4.17 -1.52
N ASP B 109 -13.25 -2.99 -1.02
CA ASP B 109 -14.65 -2.67 -0.75
C ASP B 109 -15.65 -2.57 -1.88
N TYR B 110 -15.28 -1.82 -2.92
CA TYR B 110 -16.12 -1.62 -4.08
C TYR B 110 -15.44 -2.15 -5.34
N TRP B 111 -16.06 -3.18 -5.91
CA TRP B 111 -15.61 -3.83 -7.12
C TRP B 111 -16.35 -3.31 -8.34
N GLY B 112 -15.77 -3.49 -9.53
CA GLY B 112 -16.40 -3.04 -10.76
C GLY B 112 -17.19 -4.22 -11.33
N GLN B 113 -18.05 -3.99 -12.32
CA GLN B 113 -18.89 -5.03 -12.99
C GLN B 113 -18.20 -6.27 -13.64
N GLY B 114 -16.99 -6.05 -14.16
CA GLY B 114 -16.23 -7.08 -14.82
C GLY B 114 -16.08 -6.70 -16.28
N THR B 115 -15.19 -7.41 -16.99
CA THR B 115 -14.95 -7.20 -18.42
C THR B 115 -14.58 -8.50 -19.08
N SER B 116 -15.21 -8.79 -20.20
CA SER B 116 -14.86 -10.01 -20.91
C SER B 116 -13.95 -9.74 -22.08
N VAL B 117 -12.71 -10.21 -21.97
CA VAL B 117 -11.78 -10.07 -23.06
C VAL B 117 -11.75 -11.48 -23.60
N THR B 118 -12.15 -11.63 -24.86
CA THR B 118 -12.16 -12.93 -25.52
C THR B 118 -11.22 -12.83 -26.71
N VAL B 119 -10.19 -13.67 -26.74
CA VAL B 119 -9.25 -13.67 -27.85
C VAL B 119 -9.51 -14.80 -28.85
N SER B 120 -9.85 -14.41 -30.08
CA SER B 120 -10.13 -15.36 -31.13
C SER B 120 -9.97 -14.69 -32.48
N SER B 121 -9.73 -15.54 -33.49
CA SER B 121 -9.60 -15.12 -34.86
C SER B 121 -10.97 -15.20 -35.56
N ALA B 122 -11.87 -15.99 -34.98
CA ALA B 122 -13.24 -16.18 -35.48
C ALA B 122 -14.01 -14.86 -35.65
N LYS B 123 -14.35 -14.49 -36.88
CA LYS B 123 -15.06 -13.23 -37.17
C LYS B 123 -16.40 -13.05 -36.47
N THR B 124 -16.67 -11.78 -36.14
CA THR B 124 -17.91 -11.36 -35.50
C THR B 124 -18.98 -11.69 -36.52
N THR B 125 -20.00 -12.42 -36.10
CA THR B 125 -21.09 -12.82 -36.98
C THR B 125 -22.42 -12.75 -36.22
N ALA B 126 -23.25 -11.76 -36.61
CA ALA B 126 -24.56 -11.46 -36.02
C ALA B 126 -25.60 -12.60 -36.05
N PRO B 127 -26.30 -12.81 -34.90
CA PRO B 127 -27.33 -13.78 -34.56
C PRO B 127 -28.70 -13.67 -35.20
N SER B 128 -29.38 -14.81 -35.25
CA SER B 128 -30.74 -14.91 -35.75
C SER B 128 -31.56 -15.14 -34.51
N VAL B 129 -32.69 -14.46 -34.40
CA VAL B 129 -33.55 -14.60 -33.23
C VAL B 129 -34.86 -15.25 -33.63
N TYR B 130 -35.16 -16.38 -33.01
CA TYR B 130 -36.35 -17.11 -33.37
C TYR B 130 -37.30 -17.17 -32.22
N PRO B 131 -38.52 -16.69 -32.42
CA PRO B 131 -39.56 -16.70 -31.39
C PRO B 131 -40.12 -18.10 -31.34
N LEU B 132 -40.31 -18.64 -30.14
CA LEU B 132 -40.83 -19.98 -29.98
C LEU B 132 -42.22 -20.01 -29.34
N ALA B 133 -43.26 -20.16 -30.15
CA ALA B 133 -44.63 -20.25 -29.66
C ALA B 133 -44.92 -21.76 -29.56
N PRO B 134 -45.83 -22.19 -28.68
CA PRO B 134 -46.13 -23.64 -28.55
C PRO B 134 -47.21 -24.22 -29.48
N VAL B 135 -47.95 -23.33 -30.13
CA VAL B 135 -49.08 -23.63 -31.01
C VAL B 135 -49.26 -25.04 -31.64
N CYS B 136 -50.49 -25.55 -31.43
CA CYS B 136 -50.95 -26.86 -31.86
C CYS B 136 -50.37 -27.93 -30.92
N GLY B 137 -50.54 -27.71 -29.63
CA GLY B 137 -50.07 -28.65 -28.64
C GLY B 137 -50.88 -28.43 -27.40
N ASP B 138 -51.72 -27.40 -27.46
CA ASP B 138 -52.60 -26.98 -26.38
C ASP B 138 -51.94 -27.25 -25.06
N THR B 139 -50.81 -26.61 -24.84
CA THR B 139 -50.12 -26.78 -23.58
C THR B 139 -50.76 -25.81 -22.54
N THR B 140 -52.10 -25.84 -22.56
CA THR B 140 -52.95 -25.04 -21.66
C THR B 140 -53.71 -25.91 -20.65
N GLY B 141 -53.34 -25.67 -19.42
CA GLY B 141 -53.91 -26.34 -18.29
C GLY B 141 -53.45 -25.34 -17.28
N SER B 142 -52.61 -25.79 -16.35
CA SER B 142 -52.02 -24.95 -15.32
C SER B 142 -51.55 -23.62 -15.95
N SER B 143 -50.25 -23.48 -16.25
CA SER B 143 -49.67 -22.26 -16.85
C SER B 143 -49.07 -22.43 -18.24
N VAL B 144 -48.71 -21.31 -18.85
CA VAL B 144 -48.12 -21.38 -20.16
C VAL B 144 -46.63 -20.98 -20.18
N THR B 145 -45.84 -21.65 -21.00
CA THR B 145 -44.41 -21.37 -21.14
C THR B 145 -43.94 -21.20 -22.58
N LEU B 146 -43.48 -20.00 -22.91
CA LEU B 146 -43.00 -19.64 -24.23
C LEU B 146 -41.46 -19.58 -24.18
N GLY B 147 -40.80 -19.46 -25.32
CA GLY B 147 -39.34 -19.44 -25.29
C GLY B 147 -38.71 -18.72 -26.46
N CYS B 148 -37.48 -18.25 -26.30
CA CYS B 148 -36.77 -17.57 -27.36
C CYS B 148 -35.52 -18.39 -27.61
N LEU B 149 -35.07 -18.40 -28.87
CA LEU B 149 -33.86 -19.13 -29.26
C LEU B 149 -33.04 -18.21 -30.13
N VAL B 150 -31.82 -17.94 -29.69
CA VAL B 150 -30.93 -17.07 -30.44
C VAL B 150 -29.80 -17.95 -30.95
N LYS B 151 -29.70 -18.07 -32.26
CA LYS B 151 -28.74 -18.95 -32.85
C LYS B 151 -27.65 -18.29 -33.66
N GLY B 152 -26.48 -18.91 -33.59
CA GLY B 152 -25.29 -18.48 -34.30
C GLY B 152 -24.78 -17.08 -34.14
N TYR B 153 -24.02 -16.81 -33.10
CA TYR B 153 -23.46 -15.46 -32.89
C TYR B 153 -22.06 -15.45 -32.24
N PHE B 154 -21.31 -14.38 -32.37
CA PHE B 154 -19.99 -14.36 -31.76
C PHE B 154 -19.55 -12.90 -31.70
N PRO B 155 -19.02 -12.40 -30.56
CA PRO B 155 -18.73 -12.97 -29.22
C PRO B 155 -19.95 -13.30 -28.35
N GLU B 156 -19.67 -13.90 -27.18
CA GLU B 156 -20.66 -14.38 -26.18
C GLU B 156 -21.67 -13.51 -25.42
N PRO B 157 -21.36 -12.20 -25.25
CA PRO B 157 -22.33 -11.34 -24.53
C PRO B 157 -23.47 -10.86 -25.43
N VAL B 158 -24.67 -11.27 -25.04
CA VAL B 158 -25.91 -10.91 -25.73
C VAL B 158 -26.82 -10.56 -24.58
N THR B 159 -27.69 -9.58 -24.76
CA THR B 159 -28.64 -9.25 -23.71
C THR B 159 -30.09 -9.68 -24.10
N LEU B 160 -30.59 -10.68 -23.37
CA LEU B 160 -31.93 -11.26 -23.55
C LEU B 160 -32.93 -10.78 -22.48
N THR B 161 -33.74 -9.79 -22.81
CA THR B 161 -34.73 -9.30 -21.86
C THR B 161 -36.08 -9.64 -22.48
N TRP B 162 -37.10 -9.80 -21.66
CA TRP B 162 -38.47 -10.12 -22.13
C TRP B 162 -39.36 -8.92 -21.91
N ASN B 163 -39.95 -8.38 -22.96
CA ASN B 163 -40.81 -7.20 -22.80
C ASN B 163 -40.10 -6.13 -21.98
N SER B 164 -38.75 -6.20 -21.91
CA SER B 164 -37.89 -5.31 -21.09
C SER B 164 -38.53 -5.14 -19.69
N GLY B 165 -38.43 -6.16 -18.87
CA GLY B 165 -39.03 -6.03 -17.56
C GLY B 165 -40.30 -6.81 -17.37
N SER B 166 -40.24 -8.11 -17.68
CA SER B 166 -41.34 -9.10 -17.43
C SER B 166 -40.69 -10.14 -16.48
N LEU B 167 -39.37 -10.09 -16.42
CA LEU B 167 -38.46 -10.91 -15.63
C LEU B 167 -38.92 -11.32 -14.24
N SER B 168 -39.90 -10.59 -13.69
CA SER B 168 -40.44 -10.84 -12.36
C SER B 168 -41.07 -12.24 -12.31
N SER B 169 -41.41 -12.71 -13.51
CA SER B 169 -41.99 -14.03 -13.72
C SER B 169 -40.78 -14.94 -13.81
N GLY B 170 -41.03 -16.23 -14.06
CA GLY B 170 -39.97 -17.21 -14.16
C GLY B 170 -39.24 -17.19 -15.51
N VAL B 171 -38.22 -16.35 -15.58
CA VAL B 171 -37.38 -16.24 -16.76
C VAL B 171 -36.26 -17.24 -16.47
N HIS B 172 -35.82 -17.92 -17.51
CA HIS B 172 -34.74 -18.87 -17.38
C HIS B 172 -33.89 -18.62 -18.59
N THR B 173 -32.79 -17.92 -18.44
CA THR B 173 -31.92 -17.70 -19.59
C THR B 173 -30.76 -18.63 -19.38
N PHE B 174 -30.67 -19.59 -20.30
CA PHE B 174 -29.66 -20.61 -20.24
C PHE B 174 -28.38 -20.12 -20.87
N PRO B 175 -27.24 -20.45 -20.26
CA PRO B 175 -25.92 -20.05 -20.78
C PRO B 175 -25.72 -20.48 -22.23
N ALA B 176 -24.97 -19.71 -23.00
CA ALA B 176 -24.71 -20.08 -24.42
C ALA B 176 -23.85 -21.34 -24.53
N VAL B 177 -23.68 -21.81 -25.77
CA VAL B 177 -22.87 -23.01 -26.04
C VAL B 177 -22.00 -22.75 -27.28
N LEU B 178 -20.78 -23.29 -27.31
CA LEU B 178 -19.84 -23.07 -28.42
C LEU B 178 -19.61 -24.25 -29.40
N GLN B 179 -20.23 -24.19 -30.57
CA GLN B 179 -20.08 -25.23 -31.57
C GLN B 179 -19.61 -24.61 -32.87
N SER B 180 -18.46 -25.06 -33.36
CA SER B 180 -17.91 -24.56 -34.62
C SER B 180 -17.79 -23.03 -34.57
N ASP B 181 -17.27 -22.53 -33.47
CA ASP B 181 -17.06 -21.11 -33.28
C ASP B 181 -18.18 -20.22 -33.69
N LEU B 182 -19.30 -20.54 -33.07
CA LEU B 182 -20.59 -19.89 -33.20
C LEU B 182 -21.14 -20.05 -31.80
N TYR B 183 -22.23 -19.35 -31.50
CA TYR B 183 -22.85 -19.38 -30.18
C TYR B 183 -24.36 -19.56 -30.24
N THR B 184 -24.89 -20.28 -29.25
CA THR B 184 -26.31 -20.60 -29.14
C THR B 184 -26.82 -20.43 -27.70
N LEU B 185 -27.94 -19.73 -27.57
CA LEU B 185 -28.52 -19.48 -26.26
C LEU B 185 -30.04 -19.48 -26.39
N SER B 186 -30.72 -19.69 -25.28
CA SER B 186 -32.16 -19.67 -25.31
C SER B 186 -32.73 -19.31 -23.96
N SER B 187 -33.83 -18.59 -24.00
CA SER B 187 -34.52 -18.20 -22.78
C SER B 187 -35.96 -18.77 -22.82
N SER B 188 -36.53 -18.94 -21.63
CA SER B 188 -37.90 -19.43 -21.45
C SER B 188 -38.61 -18.49 -20.46
N VAL B 189 -39.87 -18.19 -20.72
CA VAL B 189 -40.60 -17.37 -19.79
C VAL B 189 -41.93 -18.08 -19.52
N THR B 190 -42.28 -18.20 -18.25
CA THR B 190 -43.51 -18.84 -17.86
C THR B 190 -44.46 -17.77 -17.43
N VAL B 191 -45.54 -17.64 -18.19
CA VAL B 191 -46.53 -16.64 -17.89
C VAL B 191 -47.86 -17.17 -17.37
N THR B 192 -48.61 -16.22 -16.85
CA THR B 192 -49.88 -16.47 -16.23
C THR B 192 -50.69 -17.51 -16.96
N SER B 193 -50.68 -18.68 -16.32
CA SER B 193 -51.39 -19.90 -16.68
C SER B 193 -52.31 -19.94 -17.88
N SER B 194 -53.38 -19.24 -17.68
CA SER B 194 -54.47 -19.12 -18.58
C SER B 194 -54.71 -17.58 -18.81
N THR B 195 -53.81 -16.67 -18.41
CA THR B 195 -54.21 -15.26 -18.49
C THR B 195 -53.52 -14.16 -19.32
N THR B 196 -52.21 -14.28 -19.54
CA THR B 196 -51.46 -13.28 -20.30
C THR B 196 -51.42 -13.36 -21.84
N PRO B 197 -51.49 -14.57 -22.49
CA PRO B 197 -51.48 -14.76 -23.98
C PRO B 197 -52.36 -13.82 -24.84
N SER B 198 -53.17 -13.03 -24.14
CA SER B 198 -54.09 -12.06 -24.68
C SER B 198 -53.38 -10.71 -24.69
N GLN B 199 -52.12 -10.72 -24.25
CA GLN B 199 -51.25 -9.53 -24.19
C GLN B 199 -49.92 -9.97 -24.81
N SER B 200 -49.27 -9.11 -25.59
CA SER B 200 -48.00 -9.43 -26.30
C SER B 200 -46.80 -9.67 -25.43
N ILE B 201 -46.15 -10.80 -25.62
CA ILE B 201 -44.92 -11.06 -24.90
C ILE B 201 -43.93 -10.93 -26.05
N THR B 202 -42.90 -10.12 -25.88
CA THR B 202 -41.91 -9.97 -26.94
C THR B 202 -40.56 -10.45 -26.44
N CYS B 203 -39.72 -10.89 -27.37
CA CYS B 203 -38.35 -11.34 -27.08
C CYS B 203 -37.44 -10.23 -27.59
N ASN B 204 -36.73 -9.60 -26.67
CA ASN B 204 -35.85 -8.50 -26.97
C ASN B 204 -34.43 -8.97 -27.00
N VAL B 205 -33.74 -8.71 -28.12
CA VAL B 205 -32.36 -9.13 -28.28
C VAL B 205 -31.37 -8.12 -28.82
N ALA B 206 -30.48 -7.73 -27.92
CA ALA B 206 -29.43 -6.78 -28.16
C ALA B 206 -28.08 -7.54 -28.21
N HIS B 207 -27.25 -7.17 -29.19
CA HIS B 207 -25.93 -7.76 -29.36
C HIS B 207 -24.95 -6.75 -29.98
N PRO B 208 -23.86 -6.44 -29.25
CA PRO B 208 -22.78 -5.52 -29.63
C PRO B 208 -22.04 -5.87 -30.97
N ALA B 209 -22.80 -5.70 -32.03
CA ALA B 209 -22.49 -5.90 -33.45
C ALA B 209 -23.60 -5.05 -34.04
N SER B 210 -24.02 -4.05 -33.22
CA SER B 210 -25.13 -3.10 -33.46
C SER B 210 -26.46 -3.75 -33.88
N SER B 211 -26.57 -5.06 -33.62
CA SER B 211 -27.75 -5.83 -33.97
C SER B 211 -28.71 -5.72 -32.82
N THR B 212 -29.99 -5.58 -33.14
CA THR B 212 -31.05 -5.42 -32.16
C THR B 212 -32.35 -5.94 -32.78
N LYS B 213 -32.72 -7.16 -32.43
CA LYS B 213 -33.92 -7.72 -32.97
C LYS B 213 -34.85 -8.01 -31.85
N VAL B 214 -36.02 -7.39 -31.90
CA VAL B 214 -37.08 -7.57 -30.91
C VAL B 214 -38.19 -8.38 -31.62
N ASP B 215 -38.12 -9.70 -31.46
CA ASP B 215 -39.04 -10.65 -32.11
C ASP B 215 -40.21 -11.11 -31.27
N LYS B 216 -41.37 -10.56 -31.58
CA LYS B 216 -42.62 -10.86 -30.87
C LYS B 216 -43.05 -12.25 -31.24
N LYS B 217 -43.81 -12.87 -30.36
CA LYS B 217 -44.28 -14.21 -30.66
C LYS B 217 -45.80 -14.27 -30.61
N ILE B 218 -46.40 -14.44 -31.78
CA ILE B 218 -47.84 -14.57 -31.87
C ILE B 218 -48.15 -16.08 -31.70
N ASP B 219 -49.36 -16.38 -31.21
CA ASP B 219 -49.85 -17.75 -31.00
C ASP B 219 -49.63 -18.30 -29.57
N ASP C 1 4.56 -4.48 23.97
CA ASP C 1 5.43 -3.64 23.14
C ASP C 1 5.95 -4.64 22.11
N ILE C 2 6.15 -4.18 20.88
CA ILE C 2 6.71 -4.99 19.81
C ILE C 2 8.22 -4.66 19.66
N GLN C 3 9.07 -5.59 20.08
CA GLN C 3 10.52 -5.41 20.02
C GLN C 3 11.15 -5.56 18.66
N LEU C 4 11.70 -4.47 18.13
CA LEU C 4 12.38 -4.49 16.83
C LEU C 4 13.87 -4.50 17.12
N THR C 5 14.52 -5.59 16.78
CA THR C 5 15.94 -5.75 17.01
C THR C 5 16.74 -5.59 15.72
N GLN C 6 17.64 -4.63 15.70
CA GLN C 6 18.48 -4.42 14.52
C GLN C 6 19.85 -5.06 14.72
N SER C 7 20.44 -5.49 13.61
CA SER C 7 21.77 -6.09 13.61
C SER C 7 22.57 -5.80 12.31
N PRO C 8 23.81 -5.37 12.48
CA PRO C 8 24.40 -5.14 13.80
C PRO C 8 24.06 -3.72 14.18
N ALA C 9 24.48 -3.28 15.34
CA ALA C 9 24.22 -1.91 15.74
C ALA C 9 25.46 -1.09 15.44
N PHE C 10 26.48 -1.84 15.06
CA PHE C 10 27.83 -1.37 14.85
C PHE C 10 28.49 -1.90 13.53
N MET C 11 28.81 -1.06 12.56
CA MET C 11 29.46 -1.61 11.37
C MET C 11 30.46 -0.73 10.60
N ALA C 12 31.58 -1.33 10.18
CA ALA C 12 32.62 -0.65 9.37
C ALA C 12 32.77 -1.41 8.05
N ALA C 13 32.60 -0.76 6.91
CA ALA C 13 32.70 -1.48 5.65
C ALA C 13 33.64 -0.89 4.61
N SER C 14 34.43 -1.75 3.94
CA SER C 14 35.35 -1.35 2.87
C SER C 14 34.50 -0.57 1.84
N PRO C 15 34.91 0.66 1.46
CA PRO C 15 34.13 1.44 0.49
C PRO C 15 33.87 0.62 -0.77
N GLY C 16 32.62 0.45 -1.16
CA GLY C 16 32.30 -0.36 -2.32
C GLY C 16 31.80 -1.77 -1.97
N GLU C 17 31.84 -2.19 -0.71
CA GLU C 17 31.34 -3.53 -0.36
C GLU C 17 29.82 -3.57 -0.25
N LYS C 18 29.22 -4.72 -0.55
CA LYS C 18 27.78 -4.89 -0.47
C LYS C 18 27.45 -5.11 0.97
N VAL C 19 26.88 -4.07 1.58
CA VAL C 19 26.49 -4.04 2.98
C VAL C 19 25.05 -4.48 3.18
N THR C 20 24.83 -5.26 4.23
CA THR C 20 23.52 -5.74 4.57
C THR C 20 23.31 -5.67 6.07
N ILE C 21 22.21 -5.01 6.45
CA ILE C 21 21.83 -4.85 7.85
C ILE C 21 20.41 -5.39 8.04
N THR C 22 20.21 -6.13 9.12
CA THR C 22 18.93 -6.76 9.38
C THR C 22 18.08 -6.09 10.47
N CYS C 23 16.83 -6.51 10.52
CA CYS C 23 15.88 -6.01 11.49
C CYS C 23 14.92 -7.17 11.83
N SER C 24 15.05 -7.74 13.03
CA SER C 24 14.18 -8.82 13.49
C SER C 24 13.03 -8.23 14.35
N VAL C 25 11.83 -8.76 14.17
CA VAL C 25 10.64 -8.28 14.86
C VAL C 25 10.10 -9.37 15.80
N SER C 26 9.55 -8.99 16.95
CA SER C 26 9.02 -10.00 17.89
C SER C 26 7.82 -10.80 17.42
N SER C 27 6.81 -10.12 16.87
CA SER C 27 5.62 -10.79 16.36
C SER C 27 5.51 -10.43 14.89
N SER C 28 4.90 -11.30 14.10
CA SER C 28 4.72 -11.12 12.67
C SER C 28 4.02 -9.79 12.37
N ILE C 29 4.30 -9.20 11.20
CA ILE C 29 3.66 -7.95 10.79
C ILE C 29 3.66 -7.84 9.29
N SER C 30 2.67 -7.12 8.81
CA SER C 30 2.49 -6.93 7.39
C SER C 30 3.64 -6.16 6.78
N SER C 31 4.02 -6.53 5.56
CA SER C 31 5.09 -5.87 4.81
C SER C 31 4.88 -4.36 4.50
N SER C 32 3.65 -3.94 4.25
CA SER C 32 3.36 -2.54 3.94
C SER C 32 3.66 -1.57 5.09
N ASN C 33 3.73 -2.12 6.29
CA ASN C 33 3.92 -1.29 7.46
C ASN C 33 5.29 -1.36 8.17
N LEU C 34 6.35 -1.47 7.39
CA LEU C 34 7.71 -1.47 7.93
C LEU C 34 8.49 -0.46 7.09
N HIS C 35 8.79 0.71 7.66
CA HIS C 35 9.55 1.73 6.95
C HIS C 35 10.96 1.70 7.51
N TRP C 36 11.90 2.29 6.77
CA TRP C 36 13.31 2.41 7.20
C TRP C 36 13.60 3.91 7.15
N TYR C 37 14.63 4.37 7.87
CA TYR C 37 15.01 5.80 7.87
C TYR C 37 16.55 5.96 7.93
N GLN C 38 17.07 7.02 7.30
CA GLN C 38 18.51 7.29 7.32
C GLN C 38 18.72 8.58 8.05
N GLN C 39 19.61 8.60 9.03
CA GLN C 39 19.87 9.83 9.77
C GLN C 39 21.35 10.18 9.73
N LYS C 40 21.69 11.11 8.84
CA LYS C 40 23.06 11.55 8.70
C LYS C 40 23.44 12.28 9.98
N SER C 41 24.70 12.72 10.04
CA SER C 41 25.26 13.47 11.17
C SER C 41 24.22 14.12 12.09
N GLU C 42 23.75 15.32 11.75
CA GLU C 42 22.77 15.96 12.63
C GLU C 42 21.53 16.60 12.02
N THR C 43 20.96 15.91 11.06
CA THR C 43 19.77 16.41 10.41
C THR C 43 18.52 15.75 11.00
N SER C 44 17.54 15.51 10.15
CA SER C 44 16.28 14.91 10.53
C SER C 44 16.21 13.51 9.85
N PRO C 45 15.43 12.57 10.41
CA PRO C 45 15.38 11.28 9.73
C PRO C 45 14.62 11.47 8.41
N LYS C 46 15.18 10.89 7.36
CA LYS C 46 14.60 10.92 6.00
C LYS C 46 13.98 9.54 5.81
N PRO C 47 12.70 9.47 5.43
CA PRO C 47 12.19 8.11 5.25
C PRO C 47 13.01 7.57 4.06
N TRP C 48 13.56 6.37 4.20
CA TRP C 48 14.40 5.83 3.15
C TRP C 48 13.74 4.80 2.28
N ILE C 49 13.04 3.88 2.91
CA ILE C 49 12.37 2.83 2.22
C ILE C 49 11.09 2.53 2.94
N TYR C 50 9.97 2.66 2.21
CA TYR C 50 8.62 2.37 2.71
C TYR C 50 8.17 1.01 2.15
N GLY C 51 7.01 0.53 2.55
CA GLY C 51 6.57 -0.80 2.09
C GLY C 51 7.66 -1.58 2.75
N THR C 52 8.41 -2.36 2.00
CA THR C 52 9.57 -3.03 2.59
C THR C 52 10.61 -3.07 1.48
N SER C 53 10.19 -2.56 0.32
CA SER C 53 10.98 -2.61 -0.88
C SER C 53 10.97 -1.38 -1.73
N ASN C 54 10.24 -0.35 -1.32
CA ASN C 54 10.12 0.86 -2.15
C ASN C 54 10.99 2.02 -1.73
N LEU C 55 12.00 2.35 -2.51
CA LEU C 55 12.87 3.45 -2.15
C LEU C 55 12.06 4.73 -2.08
N ALA C 56 12.28 5.52 -1.05
CA ALA C 56 11.53 6.74 -0.88
C ALA C 56 11.62 7.74 -2.06
N SER C 57 12.82 8.30 -2.31
CA SER C 57 13.03 9.28 -3.38
C SER C 57 14.44 9.90 -3.25
N GLY C 58 15.11 10.11 -4.39
CA GLY C 58 16.45 10.67 -4.37
C GLY C 58 17.36 9.66 -3.70
N VAL C 59 16.75 8.50 -3.45
CA VAL C 59 17.40 7.38 -2.83
C VAL C 59 17.87 6.69 -4.09
N PRO C 60 19.19 6.53 -4.19
CA PRO C 60 19.86 5.89 -5.30
C PRO C 60 19.42 4.44 -5.35
N VAL C 61 19.52 3.86 -6.53
CA VAL C 61 19.11 2.48 -6.76
C VAL C 61 20.04 1.47 -6.11
N ARG C 62 21.14 1.95 -5.55
CA ARG C 62 22.08 1.04 -4.92
C ARG C 62 21.39 0.41 -3.72
N PHE C 63 20.46 1.16 -3.11
CA PHE C 63 19.67 0.74 -1.94
C PHE C 63 18.49 -0.17 -2.24
N SER C 64 18.18 -1.09 -1.32
CA SER C 64 17.04 -2.02 -1.47
C SER C 64 16.65 -2.83 -0.21
N GLY C 65 15.35 -2.99 0.04
CA GLY C 65 14.90 -3.73 1.20
C GLY C 65 14.21 -5.02 0.82
N SER C 66 14.12 -5.97 1.74
CA SER C 66 13.48 -7.25 1.50
C SER C 66 13.15 -7.97 2.80
N GLY C 67 11.94 -8.54 2.88
CA GLY C 67 11.55 -9.29 4.07
C GLY C 67 10.06 -9.60 4.21
N SER C 68 9.72 -10.35 5.26
CA SER C 68 8.31 -10.68 5.54
C SER C 68 8.03 -11.23 6.94
N GLY C 69 6.89 -10.83 7.49
CA GLY C 69 6.50 -11.31 8.79
C GLY C 69 7.43 -10.98 9.94
N THR C 70 8.54 -11.71 10.10
CA THR C 70 9.44 -11.46 11.20
C THR C 70 10.83 -11.00 10.83
N SER C 71 11.23 -11.18 9.56
CA SER C 71 12.58 -10.83 9.11
C SER C 71 12.63 -9.80 8.00
N TYR C 72 13.57 -8.87 8.10
CA TYR C 72 13.70 -7.84 7.09
C TYR C 72 15.17 -7.43 7.01
N SER C 73 15.59 -6.93 5.85
CA SER C 73 16.96 -6.48 5.69
C SER C 73 17.10 -5.29 4.72
N LEU C 74 18.21 -4.56 4.83
CA LEU C 74 18.46 -3.42 3.97
C LEU C 74 19.82 -3.68 3.38
N THR C 75 19.88 -3.67 2.06
CA THR C 75 21.12 -3.91 1.32
C THR C 75 21.49 -2.68 0.55
N ILE C 76 22.77 -2.59 0.23
CA ILE C 76 23.28 -1.50 -0.54
C ILE C 76 24.21 -2.25 -1.46
N SER C 77 24.02 -2.11 -2.77
CA SER C 77 24.87 -2.81 -3.75
C SER C 77 26.29 -2.52 -3.37
N SER C 78 26.71 -1.30 -3.63
CA SER C 78 28.07 -0.90 -3.31
C SER C 78 28.03 0.28 -2.35
N MET C 79 28.63 0.07 -1.17
CA MET C 79 28.74 1.07 -0.10
C MET C 79 29.50 2.34 -0.54
N GLU C 80 29.02 3.52 -0.18
CA GLU C 80 29.69 4.74 -0.61
C GLU C 80 29.71 5.88 0.42
N ALA C 81 30.23 7.03 0.03
CA ALA C 81 30.31 8.20 0.89
C ALA C 81 28.98 8.53 1.56
N GLU C 82 28.08 9.09 0.76
CA GLU C 82 26.75 9.51 1.19
C GLU C 82 25.91 8.44 1.87
N ASP C 83 26.48 7.28 2.19
CA ASP C 83 25.71 6.23 2.81
C ASP C 83 25.98 6.03 4.28
N ALA C 84 27.08 6.62 4.74
CA ALA C 84 27.50 6.55 6.14
C ALA C 84 26.50 7.32 6.94
N ALA C 85 25.82 6.61 7.83
CA ALA C 85 24.81 7.20 8.67
C ALA C 85 24.23 6.14 9.62
N THR C 86 23.18 6.53 10.32
CA THR C 86 22.51 5.62 11.22
C THR C 86 21.17 5.24 10.59
N TYR C 87 20.85 3.94 10.58
CA TYR C 87 19.59 3.40 9.97
C TYR C 87 18.61 2.77 11.01
N TYR C 88 17.35 3.15 10.97
CA TYR C 88 16.41 2.60 11.91
C TYR C 88 15.30 1.97 11.12
N CYS C 89 14.62 1.01 11.73
CA CYS C 89 13.49 0.36 11.13
C CYS C 89 12.33 0.64 12.04
N GLN C 90 11.23 1.03 11.43
CA GLN C 90 10.02 1.36 12.15
C GLN C 90 9.05 0.19 12.22
N GLN C 91 7.81 0.47 12.58
CA GLN C 91 6.77 -0.55 12.70
C GLN C 91 5.46 0.21 12.83
N TRP C 92 4.71 0.39 11.75
CA TRP C 92 3.44 1.12 11.81
C TRP C 92 2.25 0.18 11.65
N ASN C 93 2.37 -1.00 12.25
CA ASN C 93 1.36 -2.03 12.18
C ASN C 93 0.45 -1.99 13.40
N SER C 94 1.01 -2.29 14.56
CA SER C 94 0.28 -2.26 15.84
C SER C 94 0.74 -1.05 16.66
N TYR C 95 -0.04 -0.67 17.68
CA TYR C 95 0.36 0.42 18.60
C TYR C 95 1.00 -0.41 19.69
N PRO C 96 2.02 0.09 20.37
CA PRO C 96 2.63 1.41 20.18
C PRO C 96 3.68 1.28 19.10
N TYR C 97 3.73 2.27 18.21
CA TYR C 97 4.67 2.27 17.14
C TYR C 97 6.05 2.42 17.71
N THR C 98 6.73 1.30 17.80
CA THR C 98 8.06 1.24 18.33
C THR C 98 9.02 1.41 17.18
N PHE C 99 10.20 1.93 17.47
CA PHE C 99 11.24 2.05 16.47
C PHE C 99 12.25 0.99 16.91
N GLY C 100 13.17 0.63 16.04
CA GLY C 100 14.19 -0.34 16.40
C GLY C 100 15.46 0.42 16.74
N GLY C 101 16.37 -0.20 17.50
CA GLY C 101 17.60 0.47 17.88
C GLY C 101 18.33 1.33 16.86
N GLY C 102 19.27 0.73 16.15
CA GLY C 102 19.98 1.50 15.17
C GLY C 102 21.17 0.73 14.72
N THR C 103 21.69 1.14 13.58
CA THR C 103 22.89 0.57 12.97
C THR C 103 23.67 1.81 12.62
N LYS C 104 24.91 1.84 13.10
CA LYS C 104 25.83 2.93 12.86
C LYS C 104 26.62 2.50 11.67
N LEU C 105 26.77 3.36 10.68
CA LEU C 105 27.51 2.98 9.50
C LEU C 105 28.80 3.70 9.19
N GLU C 106 29.90 3.10 9.60
CA GLU C 106 31.22 3.65 9.33
C GLU C 106 31.77 3.14 7.98
N ILE C 107 32.18 4.07 7.12
CA ILE C 107 32.80 3.76 5.82
C ILE C 107 34.33 3.96 5.99
N LYS C 108 35.10 3.00 5.50
CA LYS C 108 36.55 3.01 5.60
C LYS C 108 37.22 3.89 4.59
N ARG C 109 38.50 4.16 4.85
CA ARG C 109 39.29 5.06 4.03
C ARG C 109 40.78 4.78 4.22
N ALA C 110 41.59 5.53 3.47
CA ALA C 110 43.03 5.44 3.59
C ALA C 110 43.36 6.44 4.68
N ASP C 111 44.17 6.00 5.64
CA ASP C 111 44.61 6.83 6.77
C ASP C 111 44.93 8.26 6.37
N ALA C 112 44.68 9.16 7.30
CA ALA C 112 44.98 10.58 7.11
C ALA C 112 45.42 11.21 8.41
N ALA C 113 46.53 11.95 8.35
CA ALA C 113 47.09 12.68 9.49
C ALA C 113 46.21 13.93 9.69
N PRO C 114 46.02 14.34 10.95
CA PRO C 114 45.19 15.53 11.25
C PRO C 114 45.85 16.88 11.04
N THR C 115 45.01 17.89 10.84
CA THR C 115 45.43 19.29 10.68
C THR C 115 45.12 20.03 11.98
N VAL C 116 46.10 20.01 12.88
CA VAL C 116 46.02 20.66 14.18
C VAL C 116 46.06 22.17 13.93
N SER C 117 45.52 22.93 14.86
CA SER C 117 45.47 24.39 14.77
C SER C 117 45.30 24.90 16.18
N ILE C 118 46.26 25.66 16.71
CA ILE C 118 46.12 26.19 18.06
C ILE C 118 45.69 27.67 17.97
N PHE C 119 44.82 28.11 18.90
CA PHE C 119 44.25 29.48 19.02
C PHE C 119 44.30 30.06 20.46
N PRO C 120 44.78 31.31 20.62
CA PRO C 120 44.85 31.95 21.95
C PRO C 120 43.49 32.58 22.26
N PRO C 121 43.16 32.69 23.56
CA PRO C 121 41.90 33.27 23.97
C PRO C 121 41.78 34.69 23.43
N SER C 122 40.56 35.03 23.08
CA SER C 122 40.24 36.30 22.48
C SER C 122 40.46 37.39 23.46
N SER C 123 41.09 38.47 23.01
CA SER C 123 41.28 39.61 23.90
C SER C 123 39.89 40.01 24.44
N GLU C 124 38.86 39.93 23.59
CA GLU C 124 37.48 40.26 23.95
C GLU C 124 36.90 39.32 24.98
N GLN C 125 37.55 38.19 25.20
CA GLN C 125 37.08 37.19 26.15
C GLN C 125 37.71 37.51 27.48
N LEU C 126 38.99 37.84 27.39
CA LEU C 126 39.80 38.18 28.55
C LEU C 126 39.33 39.48 29.22
N THR C 127 38.32 40.08 28.59
CA THR C 127 37.65 41.26 29.11
C THR C 127 37.20 40.80 30.51
N SER C 128 36.41 39.73 30.50
CA SER C 128 35.85 39.11 31.71
C SER C 128 36.88 38.34 32.54
N GLY C 129 38.13 38.35 32.09
CA GLY C 129 39.17 37.61 32.79
C GLY C 129 39.06 36.10 32.54
N GLY C 130 38.26 35.71 31.55
CA GLY C 130 38.08 34.30 31.21
C GLY C 130 38.89 34.03 29.96
N ALA C 131 39.66 32.95 29.95
CA ALA C 131 40.50 32.60 28.80
C ALA C 131 40.46 31.12 28.50
N SER C 132 40.01 30.77 27.31
CA SER C 132 39.91 29.37 26.95
C SER C 132 40.75 29.12 25.75
N VAL C 133 41.68 28.20 25.88
CA VAL C 133 42.54 27.84 24.77
C VAL C 133 41.80 26.85 23.90
N VAL C 134 41.76 27.13 22.61
CA VAL C 134 41.08 26.30 21.62
C VAL C 134 42.07 25.59 20.69
N CYS C 135 41.70 24.40 20.24
CA CYS C 135 42.52 23.60 19.31
C CYS C 135 41.61 22.76 18.41
N PHE C 136 41.94 22.69 17.13
CA PHE C 136 41.19 21.90 16.17
C PHE C 136 42.07 20.79 15.53
N LEU C 137 41.68 19.53 15.72
CA LEU C 137 42.38 18.42 15.11
C LEU C 137 41.46 18.00 13.92
N ASN C 138 41.63 18.71 12.80
CA ASN C 138 40.82 18.52 11.57
C ASN C 138 41.21 17.49 10.51
N ASN C 139 40.18 17.10 9.77
CA ASN C 139 40.18 16.13 8.67
C ASN C 139 40.96 14.84 8.85
N PHE C 140 40.85 14.13 9.97
CA PHE C 140 41.65 12.91 10.11
C PHE C 140 40.92 11.59 10.09
N TYR C 141 41.69 10.52 9.94
CA TYR C 141 41.16 9.15 9.89
C TYR C 141 42.26 8.17 10.27
N PRO C 142 41.96 7.22 11.16
CA PRO C 142 40.69 6.97 11.86
C PRO C 142 40.35 7.92 13.02
N LYS C 143 39.19 7.67 13.61
CA LYS C 143 38.68 8.43 14.74
C LYS C 143 39.50 8.30 16.03
N ASP C 144 40.44 7.37 16.03
CA ASP C 144 41.29 7.16 17.21
C ASP C 144 42.43 8.19 17.28
N ILE C 145 42.34 9.06 18.28
CA ILE C 145 43.33 10.09 18.51
C ILE C 145 43.36 10.45 20.00
N ASN C 146 44.55 10.69 20.54
CA ASN C 146 44.72 11.07 21.94
C ASN C 146 45.21 12.52 21.96
N VAL C 147 44.44 13.43 22.56
CA VAL C 147 44.77 14.87 22.63
C VAL C 147 45.20 15.47 24.01
N LYS C 148 46.49 15.77 24.13
CA LYS C 148 47.09 16.30 25.34
C LYS C 148 47.30 17.82 25.40
N TRP C 149 46.93 18.41 26.53
CA TRP C 149 47.14 19.83 26.70
C TRP C 149 48.34 19.93 27.64
N LYS C 150 49.25 20.83 27.29
CA LYS C 150 50.44 21.08 28.07
C LYS C 150 50.59 22.58 28.38
N ILE C 151 50.76 22.92 29.65
CA ILE C 151 51.00 24.31 30.10
C ILE C 151 52.41 24.22 30.74
N ASP C 152 53.37 24.96 30.19
CA ASP C 152 54.75 24.99 30.68
C ASP C 152 55.32 23.58 30.90
N GLY C 153 55.11 22.73 29.89
CA GLY C 153 55.59 21.36 29.94
C GLY C 153 54.86 20.55 31.00
N SER C 154 53.63 20.93 31.30
CA SER C 154 52.85 20.21 32.29
C SER C 154 51.55 19.78 31.59
N GLU C 155 51.07 18.57 31.88
CA GLU C 155 49.84 18.09 31.27
C GLU C 155 48.60 18.39 32.11
N ARG C 156 47.65 19.07 31.50
CA ARG C 156 46.44 19.35 32.21
C ARG C 156 45.22 18.84 31.51
N GLN C 157 44.31 18.30 32.31
CA GLN C 157 43.04 17.77 31.84
C GLN C 157 41.83 18.34 32.56
N ASN C 158 42.03 19.14 33.61
CA ASN C 158 40.89 19.71 34.33
C ASN C 158 40.34 20.86 33.47
N GLY C 159 39.07 20.73 33.06
CA GLY C 159 38.48 21.76 32.23
C GLY C 159 38.65 21.66 30.71
N VAL C 160 39.02 20.48 30.19
CA VAL C 160 39.17 20.31 28.73
C VAL C 160 37.89 19.72 28.06
N LEU C 161 37.27 20.51 27.18
CA LEU C 161 36.02 20.20 26.48
C LEU C 161 36.21 19.78 25.02
N ASN C 162 36.20 18.48 24.77
CA ASN C 162 36.39 17.93 23.42
C ASN C 162 35.04 17.61 22.78
N SER C 163 34.93 17.75 21.47
CA SER C 163 33.70 17.47 20.74
C SER C 163 34.10 16.93 19.39
N TRP C 164 33.52 15.81 18.98
CA TRP C 164 33.85 15.19 17.70
C TRP C 164 32.76 15.40 16.67
N THR C 165 33.02 14.97 15.45
CA THR C 165 32.04 15.06 14.39
C THR C 165 31.92 13.64 13.85
N ASP C 166 31.00 13.41 12.92
CA ASP C 166 30.86 12.10 12.32
C ASP C 166 31.59 12.10 11.02
N GLN C 167 31.47 11.01 10.29
CA GLN C 167 32.12 10.92 9.00
C GLN C 167 31.50 11.91 8.09
N ASP C 168 32.33 12.68 7.43
CA ASP C 168 31.87 13.66 6.47
C ASP C 168 31.36 12.81 5.29
N SER C 169 30.29 13.27 4.64
CA SER C 169 29.69 12.55 3.53
C SER C 169 30.39 12.72 2.17
N LYS C 170 31.35 13.63 2.11
CA LYS C 170 32.12 13.88 0.90
C LYS C 170 33.39 13.04 0.92
N ASP C 171 34.10 13.07 2.05
CA ASP C 171 35.36 12.34 2.15
C ASP C 171 35.58 11.47 3.39
N SER C 172 34.52 11.12 4.08
CA SER C 172 34.60 10.22 5.22
C SER C 172 35.61 10.48 6.33
N THR C 173 36.01 11.74 6.54
CA THR C 173 36.95 12.05 7.62
C THR C 173 36.29 12.58 8.87
N TYR C 174 37.11 12.75 9.89
CA TYR C 174 36.65 13.26 11.16
C TYR C 174 37.24 14.64 11.48
N SER C 175 36.90 15.13 12.67
CA SER C 175 37.33 16.40 13.19
C SER C 175 37.05 16.33 14.70
N MET C 176 37.91 16.95 15.49
CA MET C 176 37.76 16.96 16.93
C MET C 176 38.02 18.41 17.34
N SER C 177 37.63 18.76 18.57
CA SER C 177 37.79 20.09 19.09
C SER C 177 38.19 19.88 20.53
N SER C 178 39.14 20.65 21.01
CA SER C 178 39.52 20.52 22.41
C SER C 178 39.73 21.91 22.97
N THR C 179 38.96 22.26 24.02
CA THR C 179 39.06 23.58 24.62
C THR C 179 39.44 23.55 26.07
N LEU C 180 40.55 24.21 26.37
CA LEU C 180 41.05 24.36 27.72
C LEU C 180 40.42 25.66 28.15
N THR C 181 39.52 25.56 29.12
CA THR C 181 38.81 26.70 29.64
C THR C 181 39.41 27.07 31.00
N LEU C 182 39.95 28.29 31.13
CA LEU C 182 40.54 28.72 32.41
C LEU C 182 40.41 30.22 32.74
N THR C 183 40.87 30.57 33.95
CA THR C 183 40.82 31.94 34.45
C THR C 183 42.09 32.75 34.15
N LYS C 184 41.96 34.08 34.06
CA LYS C 184 43.09 35.01 33.78
C LYS C 184 44.19 35.01 34.84
N ASP C 185 43.94 34.37 35.97
CA ASP C 185 44.97 34.23 37.01
C ASP C 185 45.81 32.99 36.65
N GLU C 186 45.17 31.84 36.65
CA GLU C 186 45.82 30.58 36.29
C GLU C 186 46.42 30.67 34.90
N TYR C 187 45.75 31.45 34.05
CA TYR C 187 46.18 31.64 32.69
C TYR C 187 47.40 32.54 32.63
N GLU C 188 47.20 33.82 32.97
CA GLU C 188 48.26 34.83 32.93
C GLU C 188 49.49 34.55 33.81
N ARG C 189 49.49 33.43 34.52
CA ARG C 189 50.60 33.05 35.37
C ARG C 189 51.43 31.87 34.75
N HIS C 190 51.23 31.66 33.43
CA HIS C 190 51.90 30.60 32.67
C HIS C 190 52.15 31.03 31.23
N ASN C 191 53.17 30.44 30.57
CA ASN C 191 53.53 30.88 29.21
C ASN C 191 53.30 29.96 28.04
N SER C 192 53.99 28.82 28.01
CA SER C 192 53.86 27.85 26.89
C SER C 192 52.52 27.11 26.84
N TYR C 193 51.77 27.33 25.77
CA TYR C 193 50.52 26.60 25.62
C TYR C 193 50.71 25.67 24.45
N THR C 194 50.68 24.38 24.75
CA THR C 194 50.85 23.33 23.73
C THR C 194 49.59 22.43 23.47
N CYS C 195 49.40 22.06 22.20
CA CYS C 195 48.30 21.16 21.81
C CYS C 195 48.97 19.96 21.13
N GLU C 196 49.14 18.87 21.87
CA GLU C 196 49.78 17.67 21.35
C GLU C 196 48.78 16.59 20.95
N ALA C 197 49.05 15.84 19.91
CA ALA C 197 48.10 14.80 19.49
C ALA C 197 48.71 13.51 18.95
N THR C 198 48.49 12.41 19.68
CA THR C 198 48.97 11.09 19.31
C THR C 198 47.95 10.34 18.43
N HIS C 199 48.24 10.28 17.14
CA HIS C 199 47.39 9.61 16.18
C HIS C 199 48.21 8.53 15.49
N LYS C 200 47.50 7.55 14.93
CA LYS C 200 48.05 6.40 14.21
C LYS C 200 48.87 6.74 12.93
N THR C 201 49.26 8.00 12.73
CA THR C 201 49.99 8.31 11.52
C THR C 201 51.44 8.77 11.65
N SER C 202 51.99 8.91 12.88
CA SER C 202 53.40 9.34 12.97
C SER C 202 54.41 9.03 14.12
N THR C 203 54.00 8.37 15.21
CA THR C 203 54.97 8.08 16.31
C THR C 203 55.83 9.30 16.74
N SER C 204 55.33 10.48 16.35
CA SER C 204 55.89 11.79 16.65
C SER C 204 54.60 12.58 16.90
N PRO C 205 54.26 12.85 18.18
CA PRO C 205 53.04 13.58 18.50
C PRO C 205 53.07 14.92 17.82
N ILE C 206 52.00 15.25 17.11
CA ILE C 206 51.89 16.53 16.45
C ILE C 206 51.76 17.60 17.52
N VAL C 207 52.55 18.67 17.46
CA VAL C 207 52.45 19.72 18.46
C VAL C 207 52.21 21.04 17.79
N LYS C 208 51.34 21.81 18.39
CA LYS C 208 51.00 23.14 17.94
C LYS C 208 51.13 23.92 19.22
N SER C 209 51.77 25.07 19.13
CA SER C 209 51.97 25.85 20.34
C SER C 209 52.10 27.34 20.11
N PHE C 210 52.02 28.07 21.21
CA PHE C 210 52.17 29.50 21.20
C PHE C 210 52.52 29.92 22.64
N ASN C 211 53.43 30.90 22.71
CA ASN C 211 53.88 31.49 23.96
C ASN C 211 53.17 32.83 24.10
N ARG C 212 52.35 32.93 25.16
CA ARG C 212 51.50 34.09 25.51
C ARG C 212 51.95 35.58 25.52
N ASN C 213 51.11 36.41 24.87
CA ASN C 213 51.28 37.87 24.73
C ASN C 213 49.98 38.45 25.34
N GLU C 214 49.94 38.46 26.67
CA GLU C 214 48.76 38.86 27.48
C GLU C 214 48.50 40.34 27.92
N CYS C 215 48.89 40.71 29.14
CA CYS C 215 48.64 42.08 29.60
C CYS C 215 49.90 42.65 30.26
N GLU D 1 5.20 18.70 -3.55
CA GLU D 1 4.02 17.78 -3.42
C GLU D 1 3.44 18.04 -2.01
N VAL D 2 4.05 17.43 -1.01
CA VAL D 2 3.61 17.67 0.33
C VAL D 2 4.81 18.39 0.87
N LYS D 3 4.57 19.31 1.81
CA LYS D 3 5.60 20.11 2.45
C LYS D 3 5.16 20.32 3.89
N LEU D 4 5.99 19.90 4.85
CA LEU D 4 5.62 20.02 6.28
C LEU D 4 6.44 21.05 7.11
N GLN D 5 5.81 22.19 7.43
CA GLN D 5 6.49 23.21 8.23
C GLN D 5 5.96 23.28 9.66
N GLU D 6 6.77 22.88 10.63
CA GLU D 6 6.37 22.90 12.03
C GLU D 6 7.07 24.01 12.80
N SER D 7 6.51 24.42 13.93
CA SER D 7 7.11 25.47 14.75
C SER D 7 6.44 25.49 16.12
N GLY D 8 7.16 25.99 17.15
CA GLY D 8 6.60 26.07 18.47
C GLY D 8 7.47 25.52 19.60
N GLY D 9 8.70 25.14 19.29
CA GLY D 9 9.56 24.61 20.33
C GLY D 9 10.17 25.67 21.22
N GLY D 10 10.61 25.27 22.41
CA GLY D 10 11.22 26.25 23.30
C GLY D 10 11.55 25.72 24.68
N LEU D 11 11.85 26.62 25.63
CA LEU D 11 12.17 26.27 27.01
C LEU D 11 10.97 26.61 27.90
N VAL D 12 10.51 25.65 28.70
CA VAL D 12 9.38 25.85 29.64
C VAL D 12 9.62 25.25 31.01
N GLN D 13 8.98 25.83 32.00
CA GLN D 13 9.14 25.37 33.38
C GLN D 13 8.52 24.00 33.55
N PRO D 14 9.16 23.10 34.34
CA PRO D 14 8.58 21.77 34.55
C PRO D 14 7.24 22.03 35.20
N GLY D 15 6.24 21.23 34.82
CA GLY D 15 4.89 21.41 35.30
C GLY D 15 4.22 22.45 34.40
N GLY D 16 4.95 23.05 33.47
CA GLY D 16 4.36 24.08 32.64
C GLY D 16 3.66 23.58 31.40
N SER D 17 3.30 24.50 30.50
CA SER D 17 2.60 24.13 29.26
C SER D 17 3.22 24.51 27.94
N MET D 18 3.05 23.60 26.98
CA MET D 18 3.59 23.70 25.64
C MET D 18 2.54 23.31 24.58
N LYS D 19 2.65 23.85 23.38
CA LYS D 19 1.71 23.52 22.31
C LYS D 19 2.48 23.61 21.03
N LEU D 20 2.53 22.51 20.29
CA LEU D 20 3.25 22.48 19.00
C LEU D 20 2.33 22.34 17.76
N SER D 21 2.62 23.14 16.73
CA SER D 21 1.85 23.09 15.51
C SER D 21 2.60 22.42 14.35
N CYS D 22 1.92 22.26 13.21
CA CYS D 22 2.52 21.60 12.06
C CYS D 22 1.55 21.93 10.89
N VAL D 23 2.05 22.59 9.85
CA VAL D 23 1.18 22.94 8.73
C VAL D 23 1.46 22.08 7.48
N ALA D 24 0.45 21.38 7.01
CA ALA D 24 0.61 20.53 5.85
C ALA D 24 0.26 21.27 4.56
N SER D 25 1.30 21.60 3.83
CA SER D 25 1.17 22.31 2.58
C SER D 25 1.01 21.29 1.47
N GLY D 26 0.11 21.59 0.52
CA GLY D 26 -0.15 20.73 -0.63
C GLY D 26 -0.47 19.28 -0.34
N PHE D 27 -1.02 19.07 0.84
CA PHE D 27 -1.39 17.77 1.32
C PHE D 27 -2.90 17.68 1.26
N THR D 28 -3.40 17.25 0.11
CA THR D 28 -4.83 17.18 -0.14
C THR D 28 -5.56 15.85 0.07
N PHE D 29 -5.10 15.04 1.02
CA PHE D 29 -5.75 13.78 1.28
C PHE D 29 -6.91 13.94 2.24
N ASN D 30 -8.00 13.21 1.98
CA ASN D 30 -9.14 13.27 2.87
C ASN D 30 -9.01 12.17 3.91
N ASN D 31 -8.29 11.11 3.56
CA ASN D 31 -8.14 10.00 4.48
C ASN D 31 -6.65 9.75 4.65
N TYR D 32 -6.15 9.92 5.87
CA TYR D 32 -4.73 9.76 6.22
C TYR D 32 -4.54 9.57 7.73
N TRP D 33 -3.31 9.70 8.23
CA TRP D 33 -3.03 9.65 9.66
C TRP D 33 -1.87 10.55 9.93
N MET D 34 -1.90 11.21 11.08
CA MET D 34 -0.83 12.10 11.50
C MET D 34 -0.28 11.66 12.87
N SER D 35 1.04 11.55 12.98
CA SER D 35 1.65 11.13 14.22
C SER D 35 2.74 12.08 14.73
N TRP D 36 3.07 11.97 16.02
CA TRP D 36 4.12 12.79 16.60
C TRP D 36 5.12 11.81 17.14
N VAL D 37 6.37 12.03 16.76
CA VAL D 37 7.48 11.19 17.19
C VAL D 37 8.55 12.09 17.85
N ARG D 38 9.21 11.60 18.88
CA ARG D 38 10.22 12.37 19.60
C ARG D 38 11.56 11.65 19.70
N GLN D 39 12.64 12.41 19.83
CA GLN D 39 13.98 11.82 19.94
C GLN D 39 14.92 12.43 20.98
N SER D 40 15.66 11.58 21.70
CA SER D 40 16.62 12.03 22.72
C SER D 40 17.52 10.84 23.11
N PRO D 41 18.85 11.05 23.18
CA PRO D 41 19.76 9.96 23.56
C PRO D 41 19.43 9.23 24.88
N GLU D 42 18.57 9.82 25.70
CA GLU D 42 18.16 9.20 26.97
C GLU D 42 17.25 8.02 26.65
N LYS D 43 16.72 7.99 25.43
CA LYS D 43 15.78 6.95 25.00
C LYS D 43 15.60 6.69 23.48
N GLY D 44 16.37 7.36 22.63
CA GLY D 44 16.21 7.19 21.19
C GLY D 44 14.90 7.79 20.65
N LEU D 45 14.46 7.26 19.51
CA LEU D 45 13.25 7.71 18.82
C LEU D 45 12.02 7.01 19.39
N GLU D 46 11.02 7.77 19.84
CA GLU D 46 9.79 7.13 20.36
C GLU D 46 8.46 7.80 20.08
N TRP D 47 7.52 6.98 19.62
CA TRP D 47 6.19 7.41 19.26
C TRP D 47 5.36 7.90 20.45
N VAL D 48 4.63 8.99 20.23
CA VAL D 48 3.83 9.60 21.30
C VAL D 48 2.32 9.66 21.08
N ALA D 49 1.86 10.22 19.96
CA ALA D 49 0.42 10.34 19.67
C ALA D 49 0.11 10.29 18.18
N GLU D 50 -1.06 9.77 17.85
CA GLU D 50 -1.48 9.66 16.46
C GLU D 50 -2.96 9.97 16.32
N ILE D 51 -3.28 10.79 15.32
CA ILE D 51 -4.65 11.16 14.98
C ILE D 51 -4.89 10.58 13.57
N ARG D 52 -6.11 10.19 13.26
CA ARG D 52 -6.37 9.61 11.96
C ARG D 52 -7.76 9.96 11.45
N LEU D 53 -7.83 10.57 10.28
CA LEU D 53 -9.09 10.91 9.67
C LEU D 53 -9.31 9.97 8.51
N ASN D 54 -10.08 8.93 8.80
CA ASN D 54 -10.53 7.91 7.86
C ASN D 54 -11.97 8.38 7.68
N SER D 55 -12.55 8.34 6.47
CA SER D 55 -13.93 8.88 6.24
C SER D 55 -14.83 8.76 7.48
N ASP D 56 -15.29 9.91 7.97
CA ASP D 56 -16.04 10.03 9.23
C ASP D 56 -15.23 9.38 10.34
N ASN D 57 -14.29 10.12 10.89
CA ASN D 57 -13.50 9.57 11.97
C ASN D 57 -12.29 10.38 12.28
N PHE D 58 -12.15 10.60 13.58
CA PHE D 58 -11.00 11.24 14.18
C PHE D 58 -10.70 10.30 15.35
N ALA D 59 -9.75 9.39 15.15
CA ALA D 59 -9.40 8.45 16.21
C ALA D 59 -7.98 8.71 16.67
N THR D 60 -7.85 9.34 17.83
CA THR D 60 -6.54 9.65 18.40
C THR D 60 -6.04 8.51 19.27
N HIS D 61 -4.74 8.46 19.57
CA HIS D 61 -4.16 7.39 20.43
C HIS D 61 -2.81 7.80 21.06
N TYR D 62 -2.55 7.35 22.29
CA TYR D 62 -1.31 7.71 23.03
C TYR D 62 -0.72 6.55 23.83
N ALA D 63 0.49 6.77 24.35
CA ALA D 63 1.20 5.74 25.11
C ALA D 63 1.35 5.96 26.63
N GLU D 64 2.39 5.36 27.20
CA GLU D 64 2.77 5.49 28.62
C GLU D 64 3.30 6.92 28.90
N SER D 65 4.29 7.31 28.09
CA SER D 65 4.98 8.59 28.16
C SER D 65 4.11 9.82 27.99
N VAL D 66 2.80 9.67 27.89
CA VAL D 66 2.01 10.84 27.64
C VAL D 66 0.54 10.76 28.03
N LYS D 67 0.07 9.55 28.31
CA LYS D 67 -1.33 9.32 28.67
C LYS D 67 -1.74 10.36 29.74
N GLY D 68 -2.45 11.40 29.32
CA GLY D 68 -2.89 12.41 30.26
C GLY D 68 -2.10 13.71 30.38
N LYS D 69 -0.93 13.77 29.74
CA LYS D 69 -0.09 14.97 29.75
C LYS D 69 -0.20 15.72 28.42
N PHE D 70 -0.35 14.99 27.32
CA PHE D 70 -0.42 15.54 25.95
C PHE D 70 -1.74 15.20 25.28
N ILE D 71 -2.24 16.04 24.38
CA ILE D 71 -3.45 15.73 23.62
C ILE D 71 -3.37 16.24 22.16
N ILE D 72 -3.89 15.45 21.22
CA ILE D 72 -3.87 15.80 19.81
C ILE D 72 -5.15 16.45 19.36
N SER D 73 -5.00 17.48 18.55
CA SER D 73 -6.10 18.22 17.99
C SER D 73 -5.80 18.44 16.52
N ARG D 74 -6.84 18.59 15.73
CA ARG D 74 -6.64 18.84 14.32
C ARG D 74 -7.76 19.67 13.72
N ASP D 75 -7.54 20.99 13.72
CA ASP D 75 -8.48 21.90 13.12
C ASP D 75 -8.03 23.33 12.81
N ASP D 76 -7.69 23.52 11.53
CA ASP D 76 -7.40 24.85 10.91
C ASP D 76 -8.81 24.65 10.28
N SER D 77 -8.89 24.53 8.96
CA SER D 77 -10.18 24.03 8.51
C SER D 77 -9.47 22.72 8.15
N LYS D 78 -8.54 22.77 7.19
CA LYS D 78 -7.80 21.55 6.86
C LYS D 78 -6.31 21.66 6.57
N SER D 79 -5.49 21.87 7.60
CA SER D 79 -4.04 21.97 7.35
C SER D 79 -3.12 21.63 8.55
N ARG D 80 -3.41 22.25 9.68
CA ARG D 80 -2.64 22.15 10.90
C ARG D 80 -3.03 21.05 11.89
N LEU D 81 -2.00 20.56 12.60
CA LEU D 81 -2.11 19.52 13.63
C LEU D 81 -1.65 20.15 14.96
N TYR D 82 -2.25 19.78 16.09
CA TYR D 82 -1.83 20.41 17.33
C TYR D 82 -1.51 19.47 18.48
N LEU D 83 -0.27 19.45 18.93
CA LEU D 83 0.07 18.64 20.09
C LEU D 83 0.05 19.54 21.37
N GLN D 84 -0.96 19.40 22.21
CA GLN D 84 -1.00 20.21 23.41
C GLN D 84 -0.37 19.41 24.53
N MET D 85 0.86 19.75 24.88
CA MET D 85 1.52 19.04 25.96
C MET D 85 1.67 19.96 27.18
N ASN D 86 1.15 19.50 28.31
CA ASN D 86 1.22 20.27 29.54
C ASN D 86 1.63 19.38 30.69
N SER D 87 1.84 19.99 31.84
CA SER D 87 2.27 19.24 33.01
C SER D 87 3.59 18.55 32.68
N LEU D 88 4.32 19.19 31.76
CA LEU D 88 5.62 18.73 31.26
C LEU D 88 6.64 18.43 32.34
N ARG D 89 7.33 17.31 32.19
CA ARG D 89 8.31 16.85 33.14
C ARG D 89 9.66 16.99 32.54
N ALA D 90 10.69 16.61 33.30
CA ALA D 90 12.07 16.70 32.86
C ALA D 90 12.46 15.76 31.75
N GLU D 91 11.77 14.63 31.63
CA GLU D 91 12.10 13.66 30.59
C GLU D 91 11.34 13.84 29.27
N ASP D 92 10.68 14.98 29.10
CA ASP D 92 9.94 15.21 27.88
C ASP D 92 10.77 16.01 26.88
N THR D 93 12.02 16.27 27.25
CA THR D 93 12.93 17.02 26.39
C THR D 93 13.38 16.17 25.22
N GLY D 94 13.29 16.75 24.04
CA GLY D 94 13.69 16.09 22.83
C GLY D 94 13.27 16.99 21.70
N ILE D 95 13.43 16.50 20.49
CA ILE D 95 12.99 17.24 19.33
C ILE D 95 11.82 16.42 18.89
N TYR D 96 10.76 17.12 18.52
CA TYR D 96 9.51 16.50 18.10
C TYR D 96 9.33 16.64 16.61
N TYR D 97 8.88 15.57 15.97
CA TYR D 97 8.65 15.64 14.54
C TYR D 97 7.25 15.12 14.19
N CYS D 98 6.56 15.80 13.28
CA CYS D 98 5.26 15.27 12.85
C CYS D 98 5.56 14.41 11.65
N VAL D 99 4.96 13.22 11.64
CA VAL D 99 5.10 12.28 10.56
C VAL D 99 3.68 12.10 10.01
N LEU D 100 3.59 11.94 8.71
CA LEU D 100 2.29 11.82 8.05
C LEU D 100 2.28 10.80 6.90
N ARG D 101 1.13 10.19 6.65
CA ARG D 101 1.00 9.22 5.57
C ARG D 101 -0.51 9.03 5.24
N PRO D 102 -0.87 9.09 3.93
CA PRO D 102 -2.27 8.91 3.56
C PRO D 102 -2.54 7.41 3.65
N LEU D 103 -3.81 7.07 3.89
CA LEU D 103 -4.21 5.66 4.04
C LEU D 103 -4.16 4.89 2.73
N PHE D 104 -2.97 4.37 2.44
CA PHE D 104 -2.68 3.58 1.28
C PHE D 104 -1.87 2.42 1.82
N TYR D 105 -2.04 1.24 1.25
CA TYR D 105 -1.32 0.08 1.73
C TYR D 105 0.16 0.41 1.62
N TYR D 106 0.57 0.83 0.44
CA TYR D 106 1.96 1.21 0.16
C TYR D 106 2.03 2.70 0.14
N ALA D 107 2.85 3.29 1.01
CA ALA D 107 2.99 4.74 1.05
C ALA D 107 4.17 5.24 1.85
N VAL D 108 4.77 6.34 1.36
CA VAL D 108 5.89 6.97 2.05
C VAL D 108 5.28 8.01 2.93
N ASP D 109 5.85 8.08 4.12
CA ASP D 109 5.43 9.04 5.09
C ASP D 109 6.24 10.29 4.90
N TYR D 110 5.69 11.40 5.36
CA TYR D 110 6.33 12.68 5.26
C TYR D 110 6.71 13.07 6.68
N TRP D 111 7.85 13.71 6.85
CA TRP D 111 8.32 14.13 8.15
C TRP D 111 8.73 15.58 8.05
N GLY D 112 8.59 16.31 9.16
CA GLY D 112 8.96 17.70 9.21
C GLY D 112 10.40 17.76 9.70
N GLN D 113 10.89 18.92 10.09
CA GLN D 113 12.25 18.94 10.57
C GLN D 113 12.20 18.75 12.08
N GLY D 114 11.29 19.46 12.74
CA GLY D 114 11.15 19.38 14.18
C GLY D 114 11.51 20.68 14.88
N THR D 115 11.08 20.82 16.13
CA THR D 115 11.42 21.98 16.94
C THR D 115 11.88 21.36 18.23
N SER D 116 12.95 21.90 18.77
CA SER D 116 13.49 21.42 20.02
C SER D 116 12.53 21.84 21.09
N VAL D 117 12.47 21.07 22.17
CA VAL D 117 11.64 21.36 23.33
C VAL D 117 12.52 21.06 24.51
N THR D 118 12.82 22.09 25.31
CA THR D 118 13.67 21.94 26.49
C THR D 118 12.87 22.27 27.75
N VAL D 119 12.87 21.35 28.71
CA VAL D 119 12.13 21.57 29.96
C VAL D 119 13.04 21.80 31.17
N SER D 120 13.17 23.05 31.64
CA SER D 120 14.03 23.30 32.79
C SER D 120 13.67 24.54 33.64
N SER D 121 14.32 24.64 34.80
CA SER D 121 14.16 25.77 35.71
C SER D 121 15.22 26.79 35.30
N ALA D 122 16.26 26.29 34.63
CA ALA D 122 17.34 27.15 34.15
C ALA D 122 16.72 28.19 33.21
N LYS D 123 17.12 29.43 33.38
CA LYS D 123 16.60 30.49 32.54
C LYS D 123 17.44 30.57 31.31
N THR D 124 17.00 31.38 30.37
CA THR D 124 17.75 31.54 29.15
C THR D 124 19.00 32.40 29.34
N THR D 125 20.09 31.87 28.84
CA THR D 125 21.33 32.61 28.88
C THR D 125 21.71 32.73 27.41
N PRO D 126 22.08 33.94 26.99
CA PRO D 126 22.48 34.21 25.60
C PRO D 126 23.88 33.69 25.40
N PRO D 127 24.24 33.45 24.14
CA PRO D 127 25.56 32.96 23.80
C PRO D 127 26.54 34.11 23.71
N SER D 128 27.79 33.84 24.08
CA SER D 128 28.87 34.83 23.97
C SER D 128 29.72 34.32 22.78
N VAL D 129 29.75 35.10 21.72
CA VAL D 129 30.46 34.76 20.50
C VAL D 129 31.85 35.38 20.45
N TYR D 130 32.87 34.49 20.52
CA TYR D 130 34.30 34.85 20.48
C TYR D 130 34.95 34.41 19.18
N PRO D 131 35.59 35.35 18.49
CA PRO D 131 36.27 35.05 17.23
C PRO D 131 37.64 34.42 17.47
N LEU D 132 37.98 33.44 16.63
CA LEU D 132 39.25 32.77 16.74
C LEU D 132 40.12 33.23 15.56
N ALA D 133 41.43 33.31 15.79
CA ALA D 133 42.41 33.75 14.80
C ALA D 133 43.82 33.36 15.21
N PRO D 134 44.61 32.81 14.28
CA PRO D 134 45.97 32.45 14.68
C PRO D 134 46.81 33.72 14.77
N GLY D 135 48.12 33.51 14.75
CA GLY D 135 49.09 34.59 14.76
C GLY D 135 50.10 34.10 13.74
N SER D 136 51.08 33.37 14.26
CA SER D 136 52.13 32.82 13.41
C SER D 136 52.03 31.31 13.46
N ALA D 137 51.55 30.83 14.61
CA ALA D 137 51.39 29.41 14.95
C ALA D 137 50.82 28.46 13.89
N ALA D 138 49.51 28.55 13.66
CA ALA D 138 48.77 27.68 12.73
C ALA D 138 49.14 27.63 11.23
N GLN D 139 50.42 27.84 10.91
CA GLN D 139 50.97 27.78 9.54
C GLN D 139 51.41 26.31 9.24
N THR D 140 50.55 25.38 9.70
CA THR D 140 50.70 23.91 9.64
C THR D 140 50.57 23.22 8.24
N ASN D 141 49.34 23.07 7.76
CA ASN D 141 49.12 22.50 6.44
C ASN D 141 49.02 23.79 5.60
N SER D 142 48.92 23.63 4.28
CA SER D 142 48.83 24.76 3.35
C SER D 142 47.33 24.97 3.04
N MET D 143 46.75 25.96 3.73
CA MET D 143 45.31 26.36 3.70
C MET D 143 45.20 27.40 4.87
N VAL D 144 44.00 27.87 5.25
CA VAL D 144 43.91 28.84 6.39
C VAL D 144 42.75 28.64 7.36
N THR D 145 43.03 28.01 8.48
CA THR D 145 42.01 27.76 9.50
C THR D 145 41.98 28.82 10.58
N LEU D 146 40.76 29.31 10.87
CA LEU D 146 40.40 30.28 11.92
C LEU D 146 38.97 29.89 12.35
N GLY D 147 38.54 30.16 13.59
CA GLY D 147 37.21 29.73 14.01
C GLY D 147 36.25 30.66 14.73
N CYS D 148 35.50 30.13 15.70
CA CYS D 148 34.52 30.93 16.44
C CYS D 148 33.96 30.17 17.63
N LEU D 149 34.26 30.61 18.84
CA LEU D 149 33.78 29.96 20.07
C LEU D 149 32.36 30.42 20.42
N VAL D 150 31.58 29.56 21.07
CA VAL D 150 30.21 29.93 21.43
C VAL D 150 29.94 29.47 22.86
N LYS D 151 30.15 30.39 23.79
CA LYS D 151 30.02 30.18 25.24
C LYS D 151 28.68 30.10 25.99
N GLY D 152 28.71 29.25 27.00
CA GLY D 152 27.59 28.99 27.90
C GLY D 152 26.23 29.56 27.60
N TYR D 153 25.60 29.10 26.54
CA TYR D 153 24.26 29.57 26.22
C TYR D 153 23.34 28.51 26.79
N PHE D 154 22.04 28.78 26.96
CA PHE D 154 21.22 27.68 27.49
C PHE D 154 20.43 26.75 26.54
N PRO D 155 19.17 27.11 26.15
CA PRO D 155 18.44 26.18 25.26
C PRO D 155 19.32 25.88 24.04
N GLU D 156 19.39 24.59 23.71
CA GLU D 156 20.27 24.01 22.66
C GLU D 156 20.24 24.40 21.17
N PRO D 157 19.09 24.76 20.62
CA PRO D 157 19.09 25.13 19.20
C PRO D 157 20.10 26.23 18.94
N VAL D 158 20.67 26.28 17.74
CA VAL D 158 21.64 27.32 17.42
C VAL D 158 22.06 27.24 15.93
N THR D 159 22.47 28.36 15.36
CA THR D 159 22.89 28.35 13.97
C THR D 159 24.13 29.17 13.69
N VAL D 160 25.28 28.51 13.72
CA VAL D 160 26.53 29.17 13.42
C VAL D 160 26.76 28.99 11.95
N THR D 161 27.01 30.08 11.22
CA THR D 161 27.28 30.04 9.78
C THR D 161 28.38 31.04 9.41
N TRP D 162 28.76 31.06 8.12
CA TRP D 162 29.80 31.98 7.68
C TRP D 162 29.44 32.77 6.42
N ASN D 163 29.53 34.10 6.55
CA ASN D 163 29.23 35.07 5.49
C ASN D 163 27.79 34.86 5.11
N SER D 164 27.00 34.42 6.08
CA SER D 164 25.58 34.15 5.91
C SER D 164 25.30 33.04 4.86
N GLY D 165 26.22 32.08 4.78
CA GLY D 165 26.06 30.97 3.84
C GLY D 165 26.86 31.09 2.55
N SER D 166 27.61 32.18 2.39
CA SER D 166 28.41 32.40 1.19
C SER D 166 29.45 31.27 1.07
N LEU D 167 30.40 31.29 2.00
CA LEU D 167 31.44 30.27 2.03
C LEU D 167 31.03 29.09 2.92
N SER D 168 30.41 28.11 2.28
CA SER D 168 29.91 26.90 2.92
C SER D 168 30.76 25.66 2.58
N SER D 169 32.03 25.87 2.32
CA SER D 169 32.90 24.75 2.02
C SER D 169 34.07 24.81 2.97
N GLY D 170 34.40 23.64 3.54
CA GLY D 170 35.50 23.56 4.50
C GLY D 170 35.06 24.01 5.88
N VAL D 171 33.75 23.93 6.12
CA VAL D 171 33.20 24.32 7.41
C VAL D 171 33.07 23.06 8.26
N HIS D 172 33.23 23.25 9.58
CA HIS D 172 33.12 22.19 10.59
C HIS D 172 32.41 22.71 11.85
N THR D 173 31.09 22.53 11.95
CA THR D 173 30.44 22.98 13.17
C THR D 173 30.35 21.76 14.06
N PHE D 174 30.93 21.89 15.24
CA PHE D 174 30.97 20.80 16.18
C PHE D 174 29.72 20.76 17.01
N PRO D 175 29.47 19.60 17.63
CA PRO D 175 28.30 19.39 18.47
C PRO D 175 28.46 20.18 19.76
N ALA D 176 27.33 20.60 20.34
CA ALA D 176 27.38 21.33 21.59
C ALA D 176 27.71 20.37 22.75
N VAL D 177 28.42 20.88 23.74
CA VAL D 177 28.75 20.07 24.89
C VAL D 177 28.19 20.77 26.11
N LEU D 178 28.02 20.02 27.20
CA LEU D 178 27.43 20.57 28.40
C LEU D 178 28.25 20.55 29.69
N GLN D 179 28.64 21.74 30.14
CA GLN D 179 29.35 21.90 31.40
C GLN D 179 28.34 22.65 32.32
N SER D 180 28.02 22.05 33.45
CA SER D 180 27.10 22.65 34.42
C SER D 180 25.86 23.45 33.93
N ASP D 181 24.79 22.77 33.53
CA ASP D 181 23.57 23.46 33.14
C ASP D 181 23.75 24.52 31.99
N LEU D 182 24.84 24.41 31.22
CA LEU D 182 25.16 25.39 30.13
C LEU D 182 25.85 24.77 28.91
N TYR D 183 25.59 25.22 27.68
CA TYR D 183 26.23 24.59 26.50
C TYR D 183 27.31 25.40 25.85
N THR D 184 28.22 24.74 25.14
CA THR D 184 29.32 25.41 24.39
C THR D 184 29.70 24.71 23.08
N LEU D 185 30.13 25.47 22.08
CA LEU D 185 30.53 24.90 20.80
C LEU D 185 31.41 25.83 19.94
N SER D 186 31.93 25.29 18.85
CA SER D 186 32.77 26.04 17.93
C SER D 186 32.59 25.56 16.50
N SER D 187 32.80 26.47 15.56
CA SER D 187 32.67 26.19 14.15
C SER D 187 34.07 26.43 13.62
N SER D 188 34.41 25.86 12.46
CA SER D 188 35.74 26.06 11.84
C SER D 188 35.66 26.23 10.35
N VAL D 189 36.39 27.20 9.83
CA VAL D 189 36.41 27.38 8.39
C VAL D 189 37.89 27.36 7.98
N THR D 190 38.15 26.80 6.80
CA THR D 190 39.48 26.70 6.28
C THR D 190 39.48 27.31 4.89
N VAL D 191 39.49 28.63 4.87
CA VAL D 191 39.50 29.42 3.63
C VAL D 191 40.83 29.31 2.89
N PRO D 192 40.79 29.43 1.55
CA PRO D 192 41.90 29.36 0.56
C PRO D 192 43.32 29.73 0.97
N SER D 193 44.18 28.71 0.89
CA SER D 193 45.63 28.70 1.18
C SER D 193 46.38 30.00 1.58
N THR D 194 46.33 30.96 0.64
CA THR D 194 46.97 32.27 0.73
C THR D 194 46.51 33.05 1.97
N TRP D 195 46.98 34.30 2.08
CA TRP D 195 46.66 35.17 3.22
C TRP D 195 45.38 36.09 3.28
N ARG D 196 44.30 35.64 2.62
CA ARG D 196 43.01 36.34 2.62
C ARG D 196 42.10 35.97 3.83
N PRO D 197 42.66 35.47 4.95
CA PRO D 197 41.67 35.15 5.96
C PRO D 197 40.71 36.13 6.66
N SER D 198 41.16 36.58 7.81
CA SER D 198 40.46 37.38 8.79
C SER D 198 39.46 38.61 8.57
N GLU D 199 39.42 39.25 7.38
CA GLU D 199 38.49 40.36 7.11
C GLU D 199 37.41 40.05 6.07
N THR D 200 36.19 40.53 6.34
CA THR D 200 35.01 40.32 5.50
C THR D 200 34.69 38.85 5.36
N VAL D 201 35.07 38.09 6.40
CA VAL D 201 34.85 36.66 6.57
C VAL D 201 34.15 36.71 7.94
N THR D 202 32.82 36.78 7.94
CA THR D 202 32.04 36.92 9.16
C THR D 202 31.37 35.68 9.80
N CYS D 203 31.42 35.66 11.14
CA CYS D 203 30.85 34.57 11.95
C CYS D 203 29.47 34.95 12.43
N ASN D 204 28.44 34.44 11.76
CA ASN D 204 27.10 34.75 12.24
C ASN D 204 26.52 33.61 13.10
N VAL D 205 26.11 33.94 14.31
CA VAL D 205 25.54 32.93 15.20
C VAL D 205 24.09 33.29 15.51
N ALA D 206 23.21 32.30 15.38
CA ALA D 206 21.81 32.51 15.69
C ALA D 206 21.41 31.66 16.90
N HIS D 207 20.80 32.32 17.88
CA HIS D 207 20.30 31.67 19.09
C HIS D 207 18.91 32.28 19.37
N PRO D 208 17.84 31.54 19.00
CA PRO D 208 16.40 31.82 19.13
C PRO D 208 15.86 32.65 20.29
N ALA D 209 16.48 32.56 21.47
CA ALA D 209 16.03 33.42 22.57
C ALA D 209 16.56 34.84 22.31
N SER D 210 16.00 35.42 21.25
CA SER D 210 16.23 36.75 20.74
C SER D 210 17.62 37.27 20.62
N SER D 211 18.58 36.40 20.41
CA SER D 211 19.96 36.84 20.33
C SER D 211 20.63 36.32 19.06
N THR D 212 20.81 37.21 18.10
CA THR D 212 21.45 36.94 16.80
C THR D 212 22.80 37.66 16.82
N LYS D 213 23.78 37.19 16.05
CA LYS D 213 25.08 37.85 16.06
C LYS D 213 25.86 37.65 14.76
N VAL D 214 26.71 38.65 14.48
CA VAL D 214 27.59 38.73 13.30
C VAL D 214 28.89 39.27 13.93
N ASP D 215 29.94 38.46 13.90
CA ASP D 215 31.23 38.84 14.52
C ASP D 215 32.41 38.92 13.52
N LYS D 216 33.44 39.67 13.90
CA LYS D 216 34.63 39.95 13.07
C LYS D 216 35.91 39.17 13.45
N LYS D 217 37.09 39.61 12.98
CA LYS D 217 38.37 38.93 13.30
C LYS D 217 39.74 39.78 13.32
N ILE D 218 40.91 39.11 13.33
CA ILE D 218 42.19 39.82 13.31
C ILE D 218 42.34 40.42 11.91
#